data_6YJR
#
_entry.id   6YJR
#
_cell.length_a   59.809
_cell.length_b   100.415
_cell.length_c   207.981
_cell.angle_alpha   90.000
_cell.angle_beta   90.000
_cell.angle_gamma   90.000
#
_symmetry.space_group_name_H-M   'P 21 21 21'
#
loop_
_entity.id
_entity.type
_entity.pdbx_description
1 polymer 'Alpha-1,6-mannosylglycoprotein 6-beta-N-acetylglucosaminyltransferase A'
2 branched alpha-L-fucopyranose-(1-6)-2-acetamido-2-deoxy-beta-D-glucopyranose
3 non-polymer 2-acetamido-2-deoxy-beta-D-glucopyranose
4 non-polymer 1,2-ETHANEDIOL
5 water water
#
_entity_poly.entity_id   1
_entity_poly.type   'polypeptide(L)'
_entity_poly.pdbx_seq_one_letter_code
;SLAEIRTDFNILYSMMKKHEEFRWMRLRIRRMADAWIQAIKSLAEKQNLEKRKRKKVLVHLGLLTKESGFKIAETAFSGG
PLGELVQWSDLITSLYLLGHDIRISASLAELKEIMKKVVGNRSGCPTVGDRIVELIYIDIVGLAQFKKTLGPSWVHYQCM
LRVLDSFGTEPEFNHANYAQSKGHKTPWGKWNLNPQQFYTMFPHTPDNSFLGFVVEQHLNSSDIHHINEIKRQNQSLVYG
KVDSFWKNKKIYLDIIHTYMEVHATVYGSSTKNIPSYVKNHGILSGRDLQFLLRETKLFVGLGFPYEGPAPLEAIANGCA
FLNPKFNPPKSSKNTDFFIGKPTLRELTSQHPYAEVFIGRPHVWTVDLNNQEEVEDAVKAILNQKIEPYMPYEFTCEGML
QRINAFIEKQDFCHGQVMWPPLSALQVKLAEPGQSCKQVCQESQLICEPSFFQHLNKDKDMLKYKVTCQSSELAKDILVP
SFDPKNKHCVFQGDLLLFSCAGAHPRHQRVCPCRDFIKGQVALCKDCL
;
_entity_poly.pdbx_strand_id   AAA,BBB
#
# COMPACT_ATOMS: atom_id res chain seq x y z
N SER A 1 -28.72 4.83 -25.16
CA SER A 1 -29.62 4.01 -24.32
C SER A 1 -28.80 3.05 -23.44
N LEU A 2 -27.51 2.86 -23.75
CA LEU A 2 -26.56 2.09 -22.92
C LEU A 2 -25.82 3.05 -21.96
N ALA A 3 -25.24 2.54 -20.87
CA ALA A 3 -24.69 3.34 -19.76
C ALA A 3 -23.16 3.31 -19.80
N GLU A 4 -22.55 4.48 -19.51
CA GLU A 4 -21.08 4.72 -19.68
C GLU A 4 -20.49 5.09 -18.34
N ILE A 5 -19.53 4.29 -17.86
CA ILE A 5 -18.80 4.53 -16.58
C ILE A 5 -18.14 5.91 -16.67
N ARG A 6 -18.65 6.92 -15.97
CA ARG A 6 -18.05 8.27 -15.91
C ARG A 6 -16.81 8.18 -15.02
N THR A 7 -15.82 9.06 -15.26
CA THR A 7 -14.59 9.25 -14.42
C THR A 7 -14.27 10.75 -14.29
N ASP A 8 -15.24 11.66 -14.50
CA ASP A 8 -15.02 13.13 -14.50
C ASP A 8 -16.15 13.83 -13.75
N PHE A 9 -15.91 14.20 -12.49
CA PHE A 9 -16.94 14.75 -11.56
C PHE A 9 -17.43 16.14 -11.98
N ASN A 10 -16.99 16.64 -13.14
CA ASN A 10 -17.33 18.01 -13.59
C ASN A 10 -18.84 18.19 -13.73
N ILE A 11 -19.48 17.30 -14.50
CA ILE A 11 -20.96 17.34 -14.77
C ILE A 11 -21.68 17.26 -13.42
N LEU A 12 -21.28 16.32 -12.58
CA LEU A 12 -21.83 16.16 -11.22
C LEU A 12 -21.70 17.50 -10.50
N TYR A 13 -20.49 18.06 -10.47
CA TYR A 13 -20.17 19.23 -9.60
C TYR A 13 -21.11 20.40 -9.94
N SER A 14 -21.42 20.58 -11.23
CA SER A 14 -22.37 21.63 -11.70
C SER A 14 -23.79 21.29 -11.24
N MET A 15 -24.16 20.00 -11.25
CA MET A 15 -25.47 19.52 -10.69
C MET A 15 -25.56 19.91 -9.21
N MET A 16 -24.48 19.74 -8.46
CA MET A 16 -24.46 19.93 -6.99
C MET A 16 -24.13 21.39 -6.63
N LYS A 17 -23.80 22.21 -7.63
CA LYS A 17 -23.55 23.66 -7.44
C LYS A 17 -24.89 24.40 -7.27
N LYS A 18 -26.01 23.76 -7.61
CA LYS A 18 -27.31 24.46 -7.81
C LYS A 18 -28.03 24.73 -6.48
N HIS A 19 -27.47 24.28 -5.35
CA HIS A 19 -28.02 24.61 -4.01
C HIS A 19 -26.91 24.64 -2.98
N GLU A 20 -26.91 25.68 -2.14
CA GLU A 20 -26.01 25.79 -0.96
C GLU A 20 -26.16 24.51 -0.13
N GLU A 21 -27.38 23.99 -0.04
CA GLU A 21 -27.71 22.82 0.81
C GLU A 21 -26.77 21.66 0.46
N PHE A 22 -26.30 21.59 -0.79
CA PHE A 22 -25.45 20.49 -1.31
C PHE A 22 -23.97 20.68 -0.97
N ARG A 23 -23.60 21.84 -0.46
CA ARG A 23 -22.18 22.20 -0.22
C ARG A 23 -21.49 21.06 0.54
N TRP A 24 -22.02 20.65 1.70
CA TRP A 24 -21.37 19.63 2.57
C TRP A 24 -21.11 18.36 1.74
N MET A 25 -22.01 18.01 0.83
CA MET A 25 -21.93 16.75 0.04
C MET A 25 -20.88 16.95 -1.04
N ARG A 26 -20.97 18.03 -1.79
CA ARG A 26 -19.91 18.51 -2.73
C ARG A 26 -18.52 18.29 -2.12
N LEU A 27 -18.29 18.83 -0.92
CA LEU A 27 -16.97 18.80 -0.23
C LEU A 27 -16.57 17.34 0.01
N ARG A 28 -17.50 16.53 0.52
CA ARG A 28 -17.25 15.10 0.80
C ARG A 28 -16.78 14.46 -0.52
N ILE A 29 -17.52 14.71 -1.58
CA ILE A 29 -17.32 14.02 -2.89
C ILE A 29 -15.93 14.42 -3.38
N ARG A 30 -15.72 15.74 -3.46
CA ARG A 30 -14.42 16.34 -3.88
C ARG A 30 -13.31 15.63 -3.11
N ARG A 31 -13.36 15.64 -1.78
CA ARG A 31 -12.35 14.97 -0.95
C ARG A 31 -12.09 13.55 -1.45
N MET A 32 -13.12 12.75 -1.72
CA MET A 32 -12.95 11.28 -1.93
C MET A 32 -12.79 10.94 -3.43
N ALA A 33 -12.92 11.94 -4.32
CA ALA A 33 -13.05 11.75 -5.78
C ALA A 33 -11.96 10.81 -6.36
N ASP A 34 -10.71 10.88 -5.88
CA ASP A 34 -9.62 10.02 -6.40
C ASP A 34 -9.93 8.58 -6.04
N ALA A 35 -10.33 8.33 -4.80
CA ALA A 35 -10.67 6.99 -4.31
C ALA A 35 -11.87 6.48 -5.14
N TRP A 36 -12.85 7.35 -5.39
CA TRP A 36 -14.10 7.01 -6.11
C TRP A 36 -13.76 6.57 -7.55
N ILE A 37 -12.84 7.26 -8.19
CA ILE A 37 -12.49 7.04 -9.62
C ILE A 37 -11.62 5.79 -9.75
N GLN A 38 -10.64 5.59 -8.87
CA GLN A 38 -9.84 4.34 -8.83
C GLN A 38 -10.83 3.18 -8.72
N ALA A 39 -11.85 3.37 -7.89
CA ALA A 39 -12.86 2.33 -7.57
C ALA A 39 -13.60 1.92 -8.84
N ILE A 40 -14.28 2.85 -9.50
CA ILE A 40 -15.08 2.56 -10.73
C ILE A 40 -14.15 1.90 -11.78
N LYS A 41 -12.92 2.38 -11.95
CA LYS A 41 -11.94 1.78 -12.88
C LYS A 41 -11.67 0.34 -12.45
N SER A 42 -11.39 0.14 -11.17
CA SER A 42 -11.00 -1.18 -10.61
C SER A 42 -12.14 -2.18 -10.81
N LEU A 43 -13.38 -1.76 -10.58
CA LEU A 43 -14.59 -2.63 -10.72
C LEU A 43 -14.73 -3.03 -12.19
N ALA A 44 -14.52 -2.08 -13.11
CA ALA A 44 -14.75 -2.25 -14.57
C ALA A 44 -13.72 -3.23 -15.13
N GLU A 45 -12.62 -3.47 -14.40
CA GLU A 45 -11.55 -4.42 -14.79
C GLU A 45 -11.85 -5.81 -14.21
N LYS A 46 -12.57 -5.91 -13.09
CA LYS A 46 -12.89 -7.26 -12.53
C LYS A 46 -14.33 -7.67 -12.89
N GLN A 47 -15.11 -6.81 -13.54
CA GLN A 47 -16.57 -6.97 -13.81
C GLN A 47 -16.88 -6.32 -15.17
N ASN A 48 -17.55 -7.00 -16.10
CA ASN A 48 -18.02 -6.37 -17.36
C ASN A 48 -19.13 -5.38 -17.00
N LEU A 49 -18.87 -4.07 -16.90
CA LEU A 49 -19.93 -3.05 -16.66
C LEU A 49 -20.36 -2.39 -17.97
N GLU A 50 -20.14 -3.05 -19.11
CA GLU A 50 -20.29 -2.43 -20.44
C GLU A 50 -21.69 -2.67 -21.04
N LYS A 51 -22.52 -3.52 -20.46
CA LYS A 51 -23.74 -3.98 -21.17
C LYS A 51 -24.99 -3.52 -20.42
N ARG A 52 -25.06 -2.30 -19.90
CA ARG A 52 -26.15 -1.88 -18.99
C ARG A 52 -26.94 -0.75 -19.63
N LYS A 53 -28.27 -0.75 -19.50
CA LYS A 53 -29.10 0.38 -19.97
C LYS A 53 -28.86 1.58 -19.05
N ARG A 54 -28.68 2.76 -19.64
CA ARG A 54 -28.74 4.07 -18.95
C ARG A 54 -30.17 4.17 -18.41
N LYS A 55 -30.32 4.46 -17.11
CA LYS A 55 -31.63 4.62 -16.44
C LYS A 55 -31.83 6.07 -16.02
N LYS A 56 -32.99 6.64 -16.36
CA LYS A 56 -33.42 7.96 -15.83
C LYS A 56 -33.88 7.74 -14.40
N VAL A 57 -33.33 8.54 -13.48
CA VAL A 57 -33.39 8.33 -12.00
C VAL A 57 -33.77 9.64 -11.32
N LEU A 58 -34.87 9.68 -10.59
CA LEU A 58 -35.17 10.79 -9.66
C LEU A 58 -34.41 10.48 -8.38
N VAL A 59 -33.91 11.51 -7.73
CA VAL A 59 -33.50 11.45 -6.30
C VAL A 59 -34.08 12.71 -5.68
N HIS A 60 -34.80 12.56 -4.58
CA HIS A 60 -35.55 13.64 -3.90
C HIS A 60 -35.19 13.63 -2.41
N LEU A 61 -34.58 14.70 -1.92
CA LEU A 61 -34.06 14.74 -0.53
C LEU A 61 -34.99 15.61 0.33
N GLY A 62 -36.11 15.03 0.77
CA GLY A 62 -37.05 15.70 1.69
C GLY A 62 -36.31 16.28 2.88
N LEU A 63 -35.26 15.58 3.33
CA LEU A 63 -34.29 16.01 4.36
C LEU A 63 -33.93 17.50 4.20
N LEU A 64 -33.84 17.99 2.95
CA LEU A 64 -33.34 19.35 2.62
C LEU A 64 -34.50 20.31 2.32
N THR A 65 -35.75 19.94 2.60
CA THR A 65 -36.95 20.79 2.40
C THR A 65 -37.36 21.36 3.76
N GLY A 83 -24.58 11.61 8.53
CA GLY A 83 -25.12 10.24 8.65
C GLY A 83 -25.92 9.90 7.39
N GLU A 84 -27.09 10.49 7.29
CA GLU A 84 -27.91 10.51 6.06
C GLU A 84 -27.09 11.10 4.91
N LEU A 85 -26.66 12.36 5.03
CA LEU A 85 -25.94 13.08 3.95
C LEU A 85 -24.70 12.31 3.49
N VAL A 86 -24.06 11.54 4.35
CA VAL A 86 -22.96 10.62 3.92
C VAL A 86 -23.52 9.66 2.88
N GLN A 87 -24.56 8.92 3.27
CA GLN A 87 -25.16 7.86 2.43
C GLN A 87 -25.66 8.47 1.13
N TRP A 88 -26.36 9.60 1.19
CA TRP A 88 -26.82 10.36 0.00
C TRP A 88 -25.63 10.65 -0.91
N SER A 89 -24.58 11.25 -0.34
CA SER A 89 -23.33 11.56 -1.05
C SER A 89 -22.87 10.32 -1.82
N ASP A 90 -22.73 9.20 -1.12
CA ASP A 90 -22.10 7.98 -1.65
C ASP A 90 -23.03 7.36 -2.69
N LEU A 91 -24.34 7.45 -2.43
CA LEU A 91 -25.36 6.97 -3.40
C LEU A 91 -25.30 7.81 -4.67
N ILE A 92 -25.49 9.12 -4.53
CA ILE A 92 -25.58 10.04 -5.71
C ILE A 92 -24.35 9.80 -6.57
N THR A 93 -23.18 9.72 -5.91
CA THR A 93 -21.87 9.54 -6.55
C THR A 93 -21.89 8.23 -7.34
N SER A 94 -22.29 7.14 -6.68
CA SER A 94 -22.33 5.80 -7.31
C SER A 94 -23.22 5.84 -8.56
N LEU A 95 -24.35 6.54 -8.48
CA LEU A 95 -25.31 6.61 -9.63
C LEU A 95 -24.59 7.24 -10.83
N TYR A 96 -23.80 8.28 -10.56
CA TYR A 96 -23.01 9.04 -11.58
C TYR A 96 -21.94 8.15 -12.22
N LEU A 97 -21.02 7.64 -11.44
CA LEU A 97 -19.88 6.81 -11.91
C LEU A 97 -20.40 5.63 -12.74
N LEU A 98 -21.64 5.17 -12.50
CA LEU A 98 -22.25 3.99 -13.19
C LEU A 98 -22.98 4.44 -14.45
N GLY A 99 -23.12 5.74 -14.66
CA GLY A 99 -23.48 6.34 -15.95
C GLY A 99 -24.96 6.54 -16.14
N HIS A 100 -25.72 6.76 -15.07
CA HIS A 100 -27.19 6.87 -15.15
C HIS A 100 -27.56 8.34 -15.22
N ASP A 101 -28.77 8.63 -15.71
CA ASP A 101 -29.28 9.99 -15.97
C ASP A 101 -30.01 10.47 -14.72
N ILE A 102 -29.32 11.18 -13.84
CA ILE A 102 -29.83 11.55 -12.48
C ILE A 102 -30.52 12.90 -12.52
N ARG A 103 -31.75 12.98 -12.02
CA ARG A 103 -32.46 14.26 -11.77
C ARG A 103 -32.52 14.46 -10.26
N ILE A 104 -31.64 15.29 -9.70
CA ILE A 104 -31.68 15.60 -8.24
C ILE A 104 -32.73 16.71 -8.05
N SER A 105 -33.64 16.44 -7.13
CA SER A 105 -34.63 17.40 -6.58
C SER A 105 -34.34 17.55 -5.09
N ALA A 106 -34.63 18.70 -4.48
CA ALA A 106 -34.51 18.91 -3.01
C ALA A 106 -35.58 19.88 -2.50
N SER A 107 -36.66 20.05 -3.27
CA SER A 107 -37.79 20.97 -3.01
C SER A 107 -39.04 20.41 -3.70
N LEU A 108 -40.23 20.77 -3.20
CA LEU A 108 -41.55 20.43 -3.79
C LEU A 108 -41.55 20.86 -5.27
N ALA A 109 -41.06 22.06 -5.55
CA ALA A 109 -41.07 22.69 -6.89
C ALA A 109 -40.20 21.87 -7.86
N GLU A 110 -39.00 21.48 -7.45
CA GLU A 110 -38.09 20.64 -8.26
C GLU A 110 -38.79 19.31 -8.54
N LEU A 111 -39.27 18.63 -7.50
CA LEU A 111 -40.04 17.36 -7.61
C LEU A 111 -41.23 17.57 -8.56
N LYS A 112 -42.13 18.50 -8.20
CA LYS A 112 -43.37 18.83 -8.96
C LYS A 112 -43.00 19.06 -10.43
N GLU A 113 -41.90 19.77 -10.71
CA GLU A 113 -41.45 20.05 -12.11
C GLU A 113 -41.01 18.73 -12.74
N ILE A 114 -40.11 18.01 -12.09
CA ILE A 114 -39.51 16.74 -12.61
C ILE A 114 -40.64 15.79 -13.02
N MET A 115 -41.82 15.87 -12.40
CA MET A 115 -42.92 14.89 -12.67
C MET A 115 -43.95 15.50 -13.63
N LYS A 116 -44.83 16.38 -13.13
CA LYS A 116 -46.01 16.96 -13.84
C LYS A 116 -45.58 17.55 -15.19
N VAL A 128 -48.00 9.71 -22.49
CA VAL A 128 -48.32 8.44 -23.20
C VAL A 128 -48.51 7.33 -22.14
N GLY A 129 -48.51 6.04 -22.51
CA GLY A 129 -48.50 4.91 -21.54
C GLY A 129 -47.10 4.54 -21.03
N ASP A 130 -46.15 5.49 -21.12
CA ASP A 130 -44.71 5.34 -20.74
C ASP A 130 -44.54 5.72 -19.27
N ARG A 131 -43.30 5.69 -18.80
CA ARG A 131 -42.90 6.18 -17.46
C ARG A 131 -41.77 7.21 -17.63
N ILE A 132 -41.89 8.31 -16.89
CA ILE A 132 -40.96 9.47 -17.00
C ILE A 132 -39.69 9.17 -16.20
N VAL A 133 -39.67 8.15 -15.35
CA VAL A 133 -38.43 7.75 -14.63
C VAL A 133 -38.46 6.24 -14.50
N GLU A 134 -37.32 5.62 -14.14
CA GLU A 134 -37.23 4.14 -13.97
C GLU A 134 -36.87 3.82 -12.53
N LEU A 135 -36.18 4.72 -11.84
CA LEU A 135 -35.82 4.56 -10.41
C LEU A 135 -36.13 5.84 -9.67
N ILE A 136 -36.47 5.73 -8.39
CA ILE A 136 -36.69 6.89 -7.50
C ILE A 136 -36.02 6.54 -6.18
N TYR A 137 -35.04 7.31 -5.78
CA TYR A 137 -34.40 7.20 -4.46
C TYR A 137 -34.94 8.34 -3.64
N ILE A 138 -35.32 8.06 -2.41
CA ILE A 138 -36.06 9.04 -1.61
C ILE A 138 -35.91 8.61 -0.16
N ASP A 139 -36.23 9.53 0.77
CA ASP A 139 -36.27 9.26 2.22
C ASP A 139 -37.74 9.30 2.63
N ILE A 140 -37.98 9.07 3.91
CA ILE A 140 -39.34 8.96 4.51
C ILE A 140 -40.07 10.30 4.35
N VAL A 141 -39.42 11.42 4.69
CA VAL A 141 -39.99 12.78 4.48
C VAL A 141 -40.46 12.87 3.02
N GLY A 142 -39.60 12.48 2.09
CA GLY A 142 -39.80 12.75 0.66
C GLY A 142 -40.96 11.94 0.14
N LEU A 143 -41.18 10.79 0.76
CA LEU A 143 -42.23 9.82 0.38
C LEU A 143 -43.60 10.45 0.62
N ALA A 144 -43.79 11.16 1.74
CA ALA A 144 -45.03 11.88 2.07
C ALA A 144 -45.30 12.95 1.00
N GLN A 145 -44.22 13.64 0.64
CA GLN A 145 -44.22 14.71 -0.38
C GLN A 145 -44.47 14.10 -1.74
N PHE A 146 -43.81 12.99 -2.09
CA PHE A 146 -43.96 12.29 -3.38
C PHE A 146 -45.43 11.86 -3.55
N LYS A 147 -46.01 11.29 -2.51
CA LYS A 147 -47.42 10.81 -2.50
C LYS A 147 -48.32 12.01 -2.76
N LYS A 148 -48.18 13.05 -1.93
CA LYS A 148 -49.00 14.29 -2.03
C LYS A 148 -48.89 14.84 -3.45
N THR A 149 -47.74 14.71 -4.11
CA THR A 149 -47.50 15.26 -5.47
C THR A 149 -48.23 14.44 -6.53
N LEU A 150 -47.93 13.14 -6.63
CA LEU A 150 -48.46 12.27 -7.71
C LEU A 150 -49.95 11.96 -7.55
N GLY A 151 -50.53 12.18 -6.36
CA GLY A 151 -51.90 11.76 -5.97
C GLY A 151 -52.25 10.36 -6.51
N PRO A 152 -53.24 10.20 -7.41
CA PRO A 152 -53.68 8.88 -7.84
C PRO A 152 -52.57 8.05 -8.51
N SER A 153 -51.73 8.69 -9.33
CA SER A 153 -50.73 8.02 -10.20
C SER A 153 -49.59 7.43 -9.35
N TRP A 154 -49.57 7.78 -8.07
CA TRP A 154 -48.70 7.14 -7.03
C TRP A 154 -48.39 5.71 -7.46
N VAL A 155 -49.44 4.92 -7.72
CA VAL A 155 -49.38 3.46 -7.98
C VAL A 155 -48.55 3.20 -9.26
N HIS A 156 -48.60 4.11 -10.23
CA HIS A 156 -47.85 3.97 -11.51
C HIS A 156 -46.33 3.99 -11.24
N TYR A 157 -45.86 4.46 -10.08
CA TYR A 157 -44.41 4.65 -9.81
C TYR A 157 -43.96 3.94 -8.52
N GLN A 158 -44.86 3.40 -7.71
CA GLN A 158 -44.48 2.95 -6.35
C GLN A 158 -43.47 1.79 -6.43
N CYS A 159 -43.51 0.96 -7.49
CA CYS A 159 -42.59 -0.21 -7.62
C CYS A 159 -41.14 0.27 -7.81
N MET A 160 -40.94 1.57 -8.10
CA MET A 160 -39.63 2.16 -8.43
C MET A 160 -39.00 2.77 -7.19
N LEU A 161 -39.79 3.08 -6.18
CA LEU A 161 -39.29 3.72 -4.93
C LEU A 161 -38.19 2.86 -4.29
N ARG A 162 -37.11 3.51 -3.88
CA ARG A 162 -36.05 2.94 -3.02
C ARG A 162 -35.90 3.90 -1.86
N VAL A 163 -36.30 3.51 -0.68
CA VAL A 163 -36.56 4.47 0.42
C VAL A 163 -35.39 4.37 1.39
N LEU A 164 -34.62 5.45 1.49
CA LEU A 164 -33.48 5.53 2.43
C LEU A 164 -34.05 5.68 3.83
N ASP A 165 -34.00 4.58 4.56
CA ASP A 165 -34.57 4.39 5.92
C ASP A 165 -33.54 3.69 6.78
N SER A 166 -32.64 4.50 7.34
CA SER A 166 -31.44 4.11 8.13
C SER A 166 -31.75 2.94 9.06
N PHE A 167 -32.80 3.07 9.87
CA PHE A 167 -33.09 2.12 10.98
C PHE A 167 -33.97 0.96 10.51
N GLY A 168 -34.58 1.09 9.33
CA GLY A 168 -35.31 0.01 8.66
C GLY A 168 -36.79 0.01 9.02
N THR A 169 -37.60 -0.68 8.22
CA THR A 169 -39.05 -0.82 8.45
C THR A 169 -39.36 -2.31 8.31
N GLU A 170 -39.84 -2.92 9.41
CA GLU A 170 -40.21 -4.36 9.43
C GLU A 170 -41.61 -4.53 8.82
N PRO A 171 -41.87 -5.67 8.16
CA PRO A 171 -43.16 -5.89 7.49
C PRO A 171 -44.45 -5.66 8.30
N GLU A 172 -44.40 -6.07 9.56
CA GLU A 172 -45.43 -5.86 10.61
C GLU A 172 -45.83 -4.38 10.72
N PHE A 173 -44.90 -3.45 10.44
CA PHE A 173 -45.08 -1.98 10.55
C PHE A 173 -45.39 -1.36 9.17
N ASN A 174 -44.74 -1.86 8.12
CA ASN A 174 -44.97 -1.45 6.71
C ASN A 174 -46.44 -1.63 6.33
N HIS A 175 -47.05 -2.70 6.83
CA HIS A 175 -48.41 -3.16 6.43
C HIS A 175 -49.45 -2.54 7.38
N ALA A 176 -50.23 -1.58 6.85
CA ALA A 176 -51.06 -0.65 7.66
C ALA A 176 -52.12 -1.43 8.43
N ASN A 177 -53.00 -2.14 7.72
CA ASN A 177 -54.13 -2.89 8.35
C ASN A 177 -53.61 -3.76 9.51
N TYR A 178 -52.48 -4.43 9.33
CA TYR A 178 -51.92 -5.41 10.28
C TYR A 178 -51.36 -4.71 11.51
N ALA A 179 -50.68 -3.60 11.28
CA ALA A 179 -50.10 -2.76 12.35
C ALA A 179 -51.27 -2.29 13.22
N GLN A 180 -52.31 -1.76 12.59
CA GLN A 180 -53.55 -1.33 13.28
C GLN A 180 -54.10 -2.52 14.08
N SER A 181 -54.21 -3.69 13.44
CA SER A 181 -54.75 -4.92 14.07
C SER A 181 -53.89 -5.38 15.24
N LYS A 182 -52.58 -5.06 15.24
CA LYS A 182 -51.68 -5.45 16.36
C LYS A 182 -51.65 -4.30 17.37
N GLY A 183 -52.39 -3.20 17.12
CA GLY A 183 -52.55 -2.06 18.05
C GLY A 183 -51.32 -1.16 18.15
N HIS A 184 -50.39 -1.26 17.18
CA HIS A 184 -49.15 -0.43 17.09
C HIS A 184 -49.55 1.04 17.00
N LYS A 185 -48.93 1.87 17.82
CA LYS A 185 -49.30 3.29 18.06
C LYS A 185 -48.41 4.23 17.24
N THR A 186 -47.28 3.76 16.71
CA THR A 186 -46.32 4.62 15.96
C THR A 186 -47.02 5.16 14.72
N PRO A 187 -46.88 6.47 14.41
CA PRO A 187 -47.37 7.00 13.15
C PRO A 187 -46.51 6.62 11.93
N TRP A 188 -45.40 5.92 12.17
CA TRP A 188 -44.40 5.60 11.11
C TRP A 188 -44.80 4.29 10.44
N GLY A 189 -44.17 3.92 9.33
CA GLY A 189 -44.52 2.78 8.47
C GLY A 189 -45.80 3.04 7.69
N LYS A 190 -46.54 1.96 7.39
CA LYS A 190 -47.94 1.98 6.89
C LYS A 190 -47.95 2.30 5.39
N TRP A 191 -46.82 2.15 4.68
CA TRP A 191 -46.66 2.51 3.25
C TRP A 191 -47.00 1.33 2.34
N ASN A 192 -47.11 0.13 2.92
CA ASN A 192 -47.54 -1.07 2.18
C ASN A 192 -46.66 -1.28 0.95
N LEU A 193 -45.37 -1.05 1.03
CA LEU A 193 -44.46 -1.37 -0.10
C LEU A 193 -43.93 -2.78 0.10
N ASN A 194 -43.25 -3.32 -0.92
CA ASN A 194 -42.38 -4.49 -0.72
C ASN A 194 -41.30 -4.00 0.23
N PRO A 195 -41.11 -4.61 1.43
CA PRO A 195 -40.11 -4.16 2.39
C PRO A 195 -38.63 -4.18 1.92
N GLN A 196 -38.35 -4.78 0.76
CA GLN A 196 -36.99 -4.73 0.17
C GLN A 196 -36.74 -3.37 -0.51
N GLN A 197 -37.79 -2.57 -0.66
CA GLN A 197 -37.70 -1.18 -1.19
C GLN A 197 -37.16 -0.24 -0.09
N PHE A 198 -37.05 -0.69 1.16
CA PHE A 198 -36.39 0.08 2.26
C PHE A 198 -34.90 -0.27 2.26
N TYR A 199 -34.08 0.79 2.27
CA TYR A 199 -32.59 0.81 2.15
C TYR A 199 -31.99 1.32 3.47
N THR A 200 -31.22 0.47 4.13
CA THR A 200 -30.75 0.68 5.51
C THR A 200 -29.28 1.08 5.49
N MET A 201 -28.81 1.61 6.62
CA MET A 201 -27.42 2.08 6.82
C MET A 201 -26.51 0.88 7.07
N PHE A 202 -26.96 -0.07 7.87
CA PHE A 202 -26.23 -1.33 8.18
C PHE A 202 -27.18 -2.48 7.88
N PRO A 203 -26.61 -3.67 7.57
CA PRO A 203 -27.41 -4.88 7.35
C PRO A 203 -27.95 -5.52 8.65
N HIS A 204 -28.94 -4.87 9.28
CA HIS A 204 -29.55 -5.34 10.55
C HIS A 204 -30.95 -5.90 10.32
N THR A 205 -31.62 -5.59 9.21
CA THR A 205 -33.00 -6.09 8.94
C THR A 205 -33.03 -6.66 7.52
N PRO A 206 -32.90 -8.01 7.38
CA PRO A 206 -32.89 -8.67 6.08
C PRO A 206 -34.24 -8.62 5.34
N ASP A 207 -35.29 -8.10 6.00
CA ASP A 207 -36.57 -7.78 5.32
C ASP A 207 -36.36 -6.62 4.36
N ASN A 208 -35.36 -5.79 4.64
CA ASN A 208 -35.02 -4.58 3.86
C ASN A 208 -33.70 -4.84 3.12
N SER A 209 -33.38 -3.99 2.15
CA SER A 209 -32.12 -4.05 1.40
C SER A 209 -31.08 -3.23 2.15
N PHE A 210 -29.82 -3.66 2.13
CA PHE A 210 -28.68 -2.94 2.75
C PHE A 210 -27.99 -2.07 1.70
N LEU A 211 -28.05 -0.75 1.88
CA LEU A 211 -27.41 0.24 0.96
C LEU A 211 -26.04 0.59 1.50
N GLY A 212 -26.00 1.02 2.76
CA GLY A 212 -24.79 1.41 3.51
C GLY A 212 -24.20 2.71 3.02
N PHE A 213 -22.90 2.84 3.17
CA PHE A 213 -22.11 4.06 2.89
C PHE A 213 -20.65 3.62 2.83
N VAL A 214 -19.76 4.56 2.54
CA VAL A 214 -18.29 4.33 2.48
C VAL A 214 -17.68 4.96 3.73
N VAL A 215 -16.89 4.19 4.46
CA VAL A 215 -16.03 4.70 5.56
C VAL A 215 -14.79 5.33 4.92
N GLU A 216 -14.72 6.67 4.93
CA GLU A 216 -13.63 7.48 4.31
C GLU A 216 -12.25 7.17 4.93
N GLN A 217 -11.19 7.09 4.12
CA GLN A 217 -9.78 7.11 4.59
C GLN A 217 -9.22 8.49 4.26
N HIS A 218 -8.68 9.22 5.25
CA HIS A 218 -8.13 10.60 5.05
C HIS A 218 -6.64 10.53 4.73
N LEU A 219 -6.14 9.44 4.15
CA LEU A 219 -4.70 9.20 3.89
C LEU A 219 -4.37 9.29 2.40
N ASN A 220 -3.47 10.20 2.01
CA ASN A 220 -2.86 10.33 0.66
C ASN A 220 -1.65 9.38 0.57
N SER A 221 -0.79 9.49 -0.45
CA SER A 221 0.43 8.65 -0.66
C SER A 221 1.45 8.80 0.49
N SER A 222 1.84 10.04 0.81
CA SER A 222 2.86 10.38 1.85
C SER A 222 2.43 9.83 3.22
N ASP A 223 1.12 9.81 3.48
CA ASP A 223 0.50 9.27 4.73
C ASP A 223 0.60 7.75 4.72
N ILE A 224 0.36 7.12 3.56
CA ILE A 224 0.44 5.64 3.38
C ILE A 224 1.86 5.19 3.75
N HIS A 225 2.89 5.72 3.11
CA HIS A 225 4.31 5.44 3.46
C HIS A 225 4.59 5.80 4.93
N HIS A 226 3.95 6.84 5.47
CA HIS A 226 4.03 7.26 6.90
C HIS A 226 3.21 6.29 7.78
N ILE A 227 1.99 5.89 7.37
CA ILE A 227 1.12 4.91 8.10
C ILE A 227 1.97 3.71 8.54
N ASN A 228 2.89 3.22 7.69
CA ASN A 228 3.89 2.16 7.99
C ASN A 228 4.72 2.50 9.21
N GLU A 229 5.30 3.69 9.21
CA GLU A 229 6.33 4.16 10.17
C GLU A 229 5.77 4.17 11.59
N ILE A 230 4.44 4.28 11.78
CA ILE A 230 3.75 4.34 13.09
C ILE A 230 3.86 2.96 13.75
N LYS A 231 4.52 2.88 14.92
CA LYS A 231 4.65 1.65 15.74
C LYS A 231 3.49 1.58 16.76
N ARG A 232 2.72 0.47 16.73
CA ARG A 232 1.50 0.29 17.56
C ARG A 232 1.90 0.05 19.01
N GLN A 233 1.24 0.73 19.94
CA GLN A 233 1.64 0.77 21.37
C GLN A 233 0.56 0.01 22.14
N ASN A 234 0.94 -0.59 23.27
CA ASN A 234 -0.02 -1.32 24.14
C ASN A 234 -0.79 -0.24 24.88
N GLN A 235 -1.66 0.45 24.13
CA GLN A 235 -2.49 1.59 24.60
C GLN A 235 -3.90 1.45 24.03
N SER A 236 -4.87 1.91 24.78
CA SER A 236 -6.30 1.88 24.41
C SER A 236 -6.74 3.29 24.01
N LEU A 237 -7.75 3.38 23.15
CA LEU A 237 -8.45 4.65 22.87
C LEU A 237 -9.94 4.42 23.11
N VAL A 238 -10.56 5.28 23.90
CA VAL A 238 -12.01 5.17 24.22
C VAL A 238 -12.79 5.78 23.05
N TYR A 239 -13.87 5.11 22.65
CA TYR A 239 -14.94 5.61 21.75
C TYR A 239 -15.93 6.47 22.55
N GLY A 240 -15.89 7.79 22.34
CA GLY A 240 -16.97 8.69 22.79
C GLY A 240 -16.47 10.12 22.95
N LYS A 241 -17.03 11.06 22.18
CA LYS A 241 -16.52 12.45 22.08
C LYS A 241 -17.10 13.27 23.21
N VAL A 242 -18.05 12.71 23.96
CA VAL A 242 -18.88 13.46 24.97
C VAL A 242 -18.69 12.80 26.35
N ASP A 243 -18.55 13.63 27.38
CA ASP A 243 -18.33 13.22 28.79
C ASP A 243 -19.53 12.38 29.25
N SER A 244 -20.75 12.75 28.88
CA SER A 244 -22.02 12.05 29.21
C SER A 244 -21.89 10.55 28.94
N PHE A 245 -21.32 10.20 27.77
CA PHE A 245 -21.22 8.79 27.28
C PHE A 245 -20.34 7.97 28.22
N TRP A 246 -19.43 8.61 28.95
CA TRP A 246 -18.48 8.01 29.91
C TRP A 246 -19.15 7.69 31.26
N LYS A 247 -20.35 8.22 31.52
CA LYS A 247 -20.95 8.19 32.88
C LYS A 247 -20.95 6.75 33.41
N ASN A 248 -20.64 6.58 34.69
CA ASN A 248 -20.64 5.30 35.44
C ASN A 248 -20.00 4.20 34.59
N LYS A 249 -18.74 4.36 34.15
CA LYS A 249 -17.92 3.29 33.50
C LYS A 249 -16.56 3.13 34.18
N LYS A 250 -16.36 3.67 35.38
CA LYS A 250 -15.02 3.67 36.04
C LYS A 250 -14.50 2.24 36.14
N ILE A 251 -15.34 1.30 36.55
CA ILE A 251 -14.90 -0.10 36.82
C ILE A 251 -14.36 -0.71 35.54
N TYR A 252 -15.08 -0.53 34.43
CA TYR A 252 -14.75 -1.03 33.07
C TYR A 252 -13.36 -0.53 32.64
N LEU A 253 -13.14 0.77 32.73
CA LEU A 253 -11.91 1.46 32.30
C LEU A 253 -10.75 1.06 33.21
N ASP A 254 -11.01 0.98 34.52
CA ASP A 254 -10.03 0.59 35.54
C ASP A 254 -9.42 -0.77 35.16
N ILE A 255 -10.18 -1.67 34.55
CA ILE A 255 -9.69 -3.01 34.12
C ILE A 255 -8.77 -2.79 32.93
N ILE A 256 -9.22 -2.03 31.93
CA ILE A 256 -8.39 -1.62 30.74
C ILE A 256 -7.09 -1.01 31.28
N HIS A 257 -7.21 0.00 32.15
CA HIS A 257 -6.08 0.78 32.70
C HIS A 257 -5.07 -0.14 33.38
N THR A 258 -5.56 -1.12 34.13
CA THR A 258 -4.72 -2.14 34.78
C THR A 258 -3.64 -2.57 33.77
N TYR A 259 -3.97 -2.71 32.49
CA TYR A 259 -3.08 -3.35 31.49
C TYR A 259 -2.55 -2.37 30.42
N MET A 260 -3.20 -1.22 30.18
CA MET A 260 -2.66 -0.28 29.18
C MET A 260 -3.09 1.15 29.48
N GLU A 261 -2.38 2.12 28.90
CA GLU A 261 -2.78 3.55 28.94
C GLU A 261 -4.16 3.70 28.30
N VAL A 262 -4.89 4.70 28.71
CA VAL A 262 -6.26 5.00 28.21
C VAL A 262 -6.29 6.42 27.64
N HIS A 263 -6.37 6.50 26.31
CA HIS A 263 -6.45 7.77 25.53
C HIS A 263 -7.91 8.04 25.21
N ALA A 264 -8.24 9.33 25.06
CA ALA A 264 -9.57 9.83 24.66
C ALA A 264 -9.39 10.83 23.52
N THR A 265 -10.48 11.07 22.80
CA THR A 265 -10.69 12.28 21.97
C THR A 265 -12.01 12.88 22.41
N VAL A 266 -12.01 13.55 23.54
CA VAL A 266 -13.24 14.12 24.17
C VAL A 266 -13.18 15.64 24.07
N TYR A 267 -14.29 16.27 23.71
CA TYR A 267 -14.46 17.74 23.76
C TYR A 267 -14.60 18.17 25.22
N GLY A 268 -13.57 18.80 25.77
CA GLY A 268 -13.36 18.87 27.23
C GLY A 268 -14.10 20.01 27.85
N SER A 269 -15.31 20.31 27.36
CA SER A 269 -16.20 21.30 28.03
C SER A 269 -16.41 20.86 29.48
N SER A 270 -16.82 19.61 29.68
CA SER A 270 -16.86 18.94 31.02
C SER A 270 -16.10 17.61 30.96
N THR A 271 -15.47 17.26 32.07
CA THR A 271 -14.65 16.04 32.21
C THR A 271 -15.05 15.37 33.53
N LYS A 272 -16.26 15.66 34.04
CA LYS A 272 -16.81 15.13 35.32
C LYS A 272 -16.65 13.62 35.34
N ASN A 273 -16.91 12.95 34.20
CA ASN A 273 -16.93 11.48 34.08
C ASN A 273 -15.59 10.93 33.55
N ILE A 274 -14.55 11.73 33.38
CA ILE A 274 -13.29 11.20 32.78
C ILE A 274 -12.30 10.92 33.90
N PRO A 275 -11.91 9.64 34.09
CA PRO A 275 -10.88 9.31 35.07
C PRO A 275 -9.61 10.16 34.88
N SER A 276 -8.95 10.47 35.98
CA SER A 276 -7.76 11.37 36.02
C SER A 276 -6.66 10.83 35.11
N TYR A 277 -6.59 9.51 34.95
CA TYR A 277 -5.45 8.84 34.27
C TYR A 277 -5.64 8.86 32.75
N VAL A 278 -6.78 9.33 32.25
CA VAL A 278 -7.08 9.33 30.80
C VAL A 278 -6.20 10.40 30.14
N LYS A 279 -5.50 10.04 29.07
CA LYS A 279 -4.68 10.94 28.20
C LYS A 279 -5.57 11.50 27.07
N ASN A 280 -6.23 12.63 27.30
CA ASN A 280 -7.14 13.25 26.31
C ASN A 280 -6.34 13.95 25.21
N HIS A 281 -6.65 13.65 23.95
CA HIS A 281 -6.11 14.32 22.74
C HIS A 281 -7.07 15.43 22.28
N GLY A 282 -8.27 15.51 22.86
CA GLY A 282 -9.38 16.31 22.33
C GLY A 282 -9.79 15.79 20.96
N ILE A 283 -10.82 16.41 20.38
CA ILE A 283 -11.33 16.13 19.01
C ILE A 283 -10.19 16.26 18.00
N LEU A 284 -10.02 15.26 17.16
CA LEU A 284 -9.00 15.26 16.08
C LEU A 284 -9.68 15.25 14.71
N SER A 285 -9.04 15.90 13.75
CA SER A 285 -9.28 15.70 12.31
C SER A 285 -9.31 14.21 12.02
N GLY A 286 -10.02 13.80 10.97
CA GLY A 286 -10.08 12.39 10.49
C GLY A 286 -8.68 11.88 10.21
N ARG A 287 -7.85 12.72 9.60
CA ARG A 287 -6.45 12.35 9.25
C ARG A 287 -5.72 11.96 10.55
N ASP A 288 -5.64 12.89 11.50
CA ASP A 288 -4.90 12.76 12.77
C ASP A 288 -5.48 11.58 13.57
N LEU A 289 -6.81 11.47 13.63
CA LEU A 289 -7.45 10.32 14.31
C LEU A 289 -6.94 8.99 13.74
N GLN A 290 -6.79 8.89 12.44
CA GLN A 290 -6.38 7.62 11.79
C GLN A 290 -4.94 7.29 12.21
N PHE A 291 -4.07 8.29 12.28
CA PHE A 291 -2.68 8.10 12.78
C PHE A 291 -2.74 7.63 14.23
N LEU A 292 -3.67 8.18 15.00
CA LEU A 292 -3.79 7.79 16.42
C LEU A 292 -4.25 6.34 16.51
N LEU A 293 -5.18 5.97 15.63
CA LEU A 293 -5.70 4.59 15.60
C LEU A 293 -4.57 3.62 15.22
N ARG A 294 -3.55 4.09 14.50
CA ARG A 294 -2.44 3.23 14.04
C ARG A 294 -1.48 2.93 15.18
N GLU A 295 -1.44 3.76 16.22
CA GLU A 295 -0.59 3.52 17.40
C GLU A 295 -1.45 3.03 18.56
N THR A 296 -2.65 2.51 18.27
CA THR A 296 -3.62 2.08 19.31
C THR A 296 -3.84 0.58 19.14
N LYS A 297 -3.82 -0.18 20.24
CA LYS A 297 -4.04 -1.65 20.24
C LYS A 297 -5.54 -1.93 20.31
N LEU A 298 -6.26 -1.18 21.14
CA LEU A 298 -7.68 -1.43 21.48
C LEU A 298 -8.48 -0.13 21.43
N PHE A 299 -9.60 -0.16 20.70
CA PHE A 299 -10.62 0.93 20.65
C PHE A 299 -11.75 0.48 21.58
N VAL A 300 -12.14 1.30 22.55
CA VAL A 300 -13.01 0.82 23.66
C VAL A 300 -14.42 1.39 23.50
N GLY A 301 -15.41 0.55 23.20
CA GLY A 301 -16.84 0.91 23.27
C GLY A 301 -17.30 1.13 24.71
N LEU A 302 -18.09 2.18 24.94
CA LEU A 302 -18.72 2.48 26.25
C LEU A 302 -20.18 2.02 26.23
N GLY A 303 -20.72 1.68 25.04
CA GLY A 303 -22.10 1.17 24.85
C GLY A 303 -22.97 2.16 24.09
N PHE A 304 -22.53 3.39 23.95
CA PHE A 304 -23.15 4.41 23.07
C PHE A 304 -22.01 5.19 22.43
N PRO A 305 -22.12 5.68 21.18
CA PRO A 305 -23.26 5.47 20.31
C PRO A 305 -23.42 4.09 19.62
N TYR A 306 -24.63 3.82 19.13
CA TYR A 306 -25.04 2.50 18.60
C TYR A 306 -24.69 2.41 17.11
N GLU A 307 -24.03 1.33 16.71
CA GLU A 307 -23.73 1.02 15.29
C GLU A 307 -23.41 2.30 14.49
N GLY A 308 -22.29 2.94 14.79
CA GLY A 308 -21.71 4.05 13.98
C GLY A 308 -20.47 3.58 13.23
N PRO A 309 -19.88 4.45 12.40
CA PRO A 309 -18.71 4.05 11.61
C PRO A 309 -17.37 3.96 12.39
N ALA A 310 -17.22 4.66 13.50
CA ALA A 310 -15.89 4.86 14.16
C ALA A 310 -15.22 3.50 14.41
N PRO A 311 -15.96 2.49 14.89
CA PRO A 311 -15.36 1.18 15.11
C PRO A 311 -14.86 0.50 13.82
N LEU A 312 -15.50 0.77 12.69
CA LEU A 312 -15.03 0.21 11.39
C LEU A 312 -13.68 0.85 11.07
N GLU A 313 -13.59 2.15 11.35
CA GLU A 313 -12.42 3.01 11.07
C GLU A 313 -11.27 2.48 11.94
N ALA A 314 -11.57 2.06 13.17
CA ALA A 314 -10.58 1.51 14.12
C ALA A 314 -10.05 0.18 13.59
N ILE A 315 -10.97 -0.74 13.27
CA ILE A 315 -10.66 -2.13 12.81
C ILE A 315 -9.83 -2.04 11.52
N ALA A 316 -10.19 -1.08 10.64
CA ALA A 316 -9.50 -0.82 9.36
C ALA A 316 -8.04 -0.40 9.59
N ASN A 317 -7.76 0.32 10.67
CA ASN A 317 -6.39 0.81 10.99
C ASN A 317 -5.71 -0.19 11.92
N GLY A 318 -6.30 -1.37 12.13
CA GLY A 318 -5.66 -2.52 12.81
C GLY A 318 -5.88 -2.55 14.31
N CYS A 319 -6.77 -1.70 14.85
CA CYS A 319 -7.22 -1.82 16.25
C CYS A 319 -8.18 -2.98 16.41
N ALA A 320 -8.26 -3.52 17.62
CA ALA A 320 -9.38 -4.37 18.05
C ALA A 320 -10.46 -3.45 18.64
N PHE A 321 -11.70 -3.90 18.60
CA PHE A 321 -12.87 -3.16 19.13
C PHE A 321 -13.44 -3.96 20.30
N LEU A 322 -13.47 -3.34 21.48
CA LEU A 322 -14.15 -3.90 22.66
C LEU A 322 -15.61 -3.46 22.55
N ASN A 323 -16.53 -4.42 22.34
CA ASN A 323 -17.95 -4.23 21.93
C ASN A 323 -18.86 -4.61 23.09
N PRO A 324 -19.35 -3.62 23.88
CA PRO A 324 -20.26 -3.91 24.99
C PRO A 324 -21.46 -4.74 24.51
N LYS A 325 -21.74 -5.83 25.21
CA LYS A 325 -22.86 -6.78 24.94
C LYS A 325 -24.11 -6.27 25.67
N PHE A 326 -25.30 -6.36 25.05
CA PHE A 326 -26.59 -5.93 25.68
C PHE A 326 -27.42 -7.14 26.15
N ASN A 327 -27.71 -7.18 27.46
CA ASN A 327 -28.53 -8.19 28.18
C ASN A 327 -29.44 -7.46 29.14
N PRO A 328 -30.74 -7.23 28.79
CA PRO A 328 -31.33 -7.72 27.55
C PRO A 328 -30.90 -6.85 26.36
N PRO A 329 -30.98 -7.39 25.12
CA PRO A 329 -30.80 -6.56 23.93
C PRO A 329 -31.72 -5.34 23.92
N LYS A 330 -31.23 -4.23 23.37
CA LYS A 330 -31.99 -2.96 23.32
C LYS A 330 -32.84 -2.96 22.05
N SER A 331 -34.07 -2.46 22.13
CA SER A 331 -35.00 -2.35 20.97
C SER A 331 -35.93 -1.16 21.17
N SER A 332 -36.76 -0.88 20.16
CA SER A 332 -37.83 0.15 20.21
C SER A 332 -38.68 -0.09 21.47
N LYS A 333 -38.55 -1.26 22.08
CA LYS A 333 -39.40 -1.72 23.19
C LYS A 333 -38.90 -1.19 24.53
N ASN A 334 -37.58 -1.20 24.77
CA ASN A 334 -36.99 -1.04 26.14
C ASN A 334 -35.99 0.12 26.20
N THR A 335 -35.91 0.96 25.15
CA THR A 335 -34.86 1.99 24.99
C THR A 335 -35.45 3.26 24.36
N ASP A 336 -35.45 4.39 25.07
CA ASP A 336 -36.17 5.63 24.64
C ASP A 336 -35.64 6.09 23.28
N PHE A 337 -34.38 5.77 22.94
CA PHE A 337 -33.68 6.16 21.67
C PHE A 337 -34.41 5.59 20.43
N PHE A 338 -35.08 4.45 20.59
CA PHE A 338 -35.71 3.66 19.50
C PHE A 338 -37.25 3.74 19.56
N ILE A 339 -37.84 4.34 20.60
CA ILE A 339 -39.32 4.34 20.76
C ILE A 339 -39.89 4.94 19.47
N GLY A 340 -40.96 4.35 18.93
CA GLY A 340 -41.75 4.89 17.79
C GLY A 340 -41.25 4.45 16.43
N LYS A 341 -40.02 3.91 16.35
CA LYS A 341 -39.46 3.31 15.11
C LYS A 341 -40.44 2.25 14.64
N PRO A 342 -40.73 2.17 13.32
CA PRO A 342 -41.55 1.08 12.76
C PRO A 342 -40.73 -0.22 12.55
N THR A 343 -40.08 -0.67 13.62
CA THR A 343 -39.33 -1.95 13.68
C THR A 343 -39.11 -2.31 15.14
N LEU A 344 -39.06 -3.61 15.42
CA LEU A 344 -38.78 -4.20 16.75
C LEU A 344 -37.39 -4.82 16.70
N ARG A 345 -36.56 -4.38 15.75
CA ARG A 345 -35.15 -4.83 15.69
C ARG A 345 -34.44 -4.53 17.02
N GLU A 346 -33.63 -5.49 17.45
CA GLU A 346 -32.89 -5.49 18.73
C GLU A 346 -31.40 -5.30 18.44
N LEU A 347 -30.70 -4.60 19.33
CA LEU A 347 -29.23 -4.53 19.33
C LEU A 347 -28.72 -5.46 20.43
N THR A 348 -27.94 -6.47 20.03
CA THR A 348 -27.35 -7.47 20.93
C THR A 348 -26.06 -6.92 21.55
N SER A 349 -25.57 -5.80 21.04
CA SER A 349 -24.29 -5.16 21.42
C SER A 349 -24.27 -3.74 20.84
N GLN A 350 -23.34 -2.89 21.29
CA GLN A 350 -23.19 -1.50 20.78
C GLN A 350 -23.01 -1.53 19.25
N HIS A 351 -22.36 -2.56 18.71
CA HIS A 351 -22.11 -2.65 17.24
C HIS A 351 -22.37 -4.06 16.76
N PRO A 352 -23.67 -4.37 16.55
CA PRO A 352 -24.11 -5.68 16.09
C PRO A 352 -23.47 -6.13 14.77
N TYR A 353 -23.27 -5.22 13.82
CA TYR A 353 -22.58 -5.56 12.54
C TYR A 353 -21.16 -6.05 12.84
N ALA A 354 -20.45 -5.32 13.70
CA ALA A 354 -19.08 -5.68 14.13
C ALA A 354 -19.10 -7.01 14.88
N GLU A 355 -20.11 -7.21 15.72
CA GLU A 355 -20.35 -8.46 16.49
C GLU A 355 -20.57 -9.64 15.54
N VAL A 356 -21.50 -9.52 14.58
CA VAL A 356 -22.04 -10.68 13.80
C VAL A 356 -21.13 -10.91 12.58
N PHE A 357 -20.69 -9.85 11.91
CA PHE A 357 -20.08 -9.94 10.56
C PHE A 357 -18.56 -9.76 10.62
N ILE A 358 -17.97 -9.33 11.75
CA ILE A 358 -16.49 -9.31 11.90
C ILE A 358 -16.09 -10.32 12.98
N GLY A 359 -16.51 -10.13 14.22
CA GLY A 359 -16.21 -11.05 15.35
C GLY A 359 -14.72 -11.19 15.64
N ARG A 360 -14.35 -12.12 16.53
CA ARG A 360 -12.94 -12.36 16.95
C ARG A 360 -12.13 -12.77 15.74
N PRO A 361 -10.84 -12.39 15.65
CA PRO A 361 -10.12 -11.71 16.72
C PRO A 361 -10.32 -10.19 16.78
N HIS A 362 -10.84 -9.57 15.70
CA HIS A 362 -10.84 -8.10 15.59
C HIS A 362 -11.79 -7.50 16.62
N VAL A 363 -12.93 -8.15 16.86
CA VAL A 363 -14.02 -7.61 17.71
C VAL A 363 -14.25 -8.58 18.89
N TRP A 364 -14.24 -8.03 20.10
CA TRP A 364 -14.47 -8.80 21.34
C TRP A 364 -15.73 -8.26 22.01
N THR A 365 -16.85 -8.93 21.82
CA THR A 365 -18.16 -8.58 22.40
C THR A 365 -18.20 -9.13 23.82
N VAL A 366 -18.40 -8.27 24.83
CA VAL A 366 -18.25 -8.68 26.25
C VAL A 366 -19.26 -7.95 27.11
N ASP A 367 -19.79 -8.66 28.10
CA ASP A 367 -20.71 -8.14 29.14
C ASP A 367 -19.87 -7.33 30.13
N LEU A 368 -20.11 -6.04 30.19
CA LEU A 368 -19.44 -5.10 31.13
C LEU A 368 -19.76 -5.44 32.60
N ASN A 369 -20.86 -6.14 32.88
CA ASN A 369 -21.14 -6.62 34.26
C ASN A 369 -20.22 -7.78 34.59
N ASN A 370 -19.71 -8.47 33.58
CA ASN A 370 -18.76 -9.58 33.81
C ASN A 370 -17.34 -9.04 33.75
N GLN A 371 -16.85 -8.54 34.89
CA GLN A 371 -15.47 -8.04 35.08
C GLN A 371 -14.43 -9.10 34.67
N GLU A 372 -14.62 -10.37 35.01
CA GLU A 372 -13.69 -11.46 34.60
C GLU A 372 -13.64 -11.57 33.06
N GLU A 373 -14.79 -11.58 32.38
CA GLU A 373 -14.86 -11.71 30.90
C GLU A 373 -14.06 -10.57 30.25
N VAL A 374 -14.21 -9.36 30.78
CA VAL A 374 -13.56 -8.12 30.26
C VAL A 374 -12.05 -8.29 30.40
N GLU A 375 -11.60 -8.62 31.60
CA GLU A 375 -10.15 -8.79 31.90
C GLU A 375 -9.58 -9.84 30.95
N ASP A 376 -10.32 -10.90 30.70
CA ASP A 376 -9.86 -12.01 29.83
C ASP A 376 -9.68 -11.48 28.42
N ALA A 377 -10.71 -10.83 27.90
CA ALA A 377 -10.71 -10.23 26.55
C ALA A 377 -9.50 -9.31 26.46
N VAL A 378 -9.27 -8.46 27.47
CA VAL A 378 -8.17 -7.47 27.39
C VAL A 378 -6.82 -8.22 27.38
N LYS A 379 -6.64 -9.22 28.25
CA LYS A 379 -5.40 -10.06 28.31
C LYS A 379 -5.22 -10.76 26.96
N ALA A 380 -6.28 -11.36 26.42
CA ALA A 380 -6.27 -12.06 25.12
C ALA A 380 -5.87 -11.11 24.00
N ILE A 381 -6.51 -9.93 23.93
CA ILE A 381 -6.23 -8.89 22.87
C ILE A 381 -4.75 -8.53 22.89
N LEU A 382 -4.18 -8.27 24.07
CA LEU A 382 -2.81 -7.73 24.20
C LEU A 382 -1.77 -8.76 23.73
N ASN A 383 -2.17 -10.03 23.64
CA ASN A 383 -1.31 -11.19 23.28
C ASN A 383 -1.59 -11.65 21.85
N GLN A 384 -2.39 -10.95 21.04
CA GLN A 384 -2.57 -11.29 19.61
C GLN A 384 -2.21 -10.08 18.74
N LYS A 385 -1.45 -10.35 17.67
CA LYS A 385 -1.28 -9.46 16.50
C LYS A 385 -2.47 -9.74 15.57
N ILE A 386 -3.10 -8.69 15.06
CA ILE A 386 -4.24 -8.76 14.09
C ILE A 386 -3.99 -7.73 13.01
N GLU A 387 -4.20 -8.12 11.76
CA GLU A 387 -4.00 -7.22 10.59
C GLU A 387 -5.21 -6.31 10.48
N PRO A 388 -5.05 -5.07 9.95
CA PRO A 388 -6.18 -4.23 9.56
C PRO A 388 -7.21 -4.95 8.70
N TYR A 389 -8.46 -4.50 8.78
CA TYR A 389 -9.59 -5.07 8.00
C TYR A 389 -10.66 -3.99 7.83
N MET A 390 -10.93 -3.63 6.58
CA MET A 390 -12.14 -2.89 6.16
C MET A 390 -12.97 -3.87 5.34
N PRO A 391 -14.24 -4.10 5.71
CA PRO A 391 -15.13 -4.95 4.94
C PRO A 391 -15.29 -4.36 3.52
N TYR A 392 -15.38 -5.22 2.51
CA TYR A 392 -15.43 -4.80 1.11
C TYR A 392 -16.62 -3.86 0.93
N GLU A 393 -17.73 -4.18 1.59
CA GLU A 393 -19.01 -3.46 1.38
C GLU A 393 -18.95 -1.99 1.82
N PHE A 394 -18.00 -1.58 2.67
CA PHE A 394 -17.86 -0.20 3.21
C PHE A 394 -16.74 0.58 2.52
N THR A 395 -16.22 0.07 1.39
CA THR A 395 -15.30 0.77 0.46
C THR A 395 -16.11 1.34 -0.71
N CYS A 396 -15.54 2.31 -1.40
CA CYS A 396 -16.02 2.87 -2.70
C CYS A 396 -16.31 1.74 -3.70
N GLU A 397 -15.43 0.75 -3.83
CA GLU A 397 -15.57 -0.31 -4.88
C GLU A 397 -16.73 -1.26 -4.50
N GLY A 398 -16.76 -1.75 -3.27
CA GLY A 398 -17.82 -2.66 -2.80
C GLY A 398 -19.17 -2.00 -2.94
N MET A 399 -19.28 -0.73 -2.52
CA MET A 399 -20.55 0.02 -2.61
C MET A 399 -20.99 0.04 -4.08
N LEU A 400 -20.07 0.36 -4.98
CA LEU A 400 -20.39 0.45 -6.43
C LEU A 400 -20.89 -0.92 -6.92
N GLN A 401 -20.25 -2.02 -6.53
CA GLN A 401 -20.71 -3.36 -6.97
C GLN A 401 -22.14 -3.54 -6.45
N ARG A 402 -22.33 -3.25 -5.17
CA ARG A 402 -23.62 -3.44 -4.45
C ARG A 402 -24.72 -2.59 -5.09
N ILE A 403 -24.54 -1.29 -5.27
CA ILE A 403 -25.59 -0.48 -5.93
C ILE A 403 -25.78 -0.95 -7.38
N ASN A 404 -24.73 -1.21 -8.12
CA ASN A 404 -24.87 -1.64 -9.54
C ASN A 404 -25.79 -2.86 -9.59
N ALA A 405 -25.58 -3.81 -8.68
CA ALA A 405 -26.33 -5.08 -8.60
C ALA A 405 -27.81 -4.79 -8.31
N PHE A 406 -28.13 -3.87 -7.40
CA PHE A 406 -29.54 -3.48 -7.08
C PHE A 406 -30.21 -2.85 -8.30
N ILE A 407 -29.48 -2.01 -9.02
CA ILE A 407 -30.02 -1.29 -10.20
C ILE A 407 -30.27 -2.28 -11.34
N GLU A 408 -29.39 -3.27 -11.49
CA GLU A 408 -29.39 -4.17 -12.65
C GLU A 408 -30.20 -5.45 -12.37
N LYS A 409 -30.47 -5.80 -11.11
CA LYS A 409 -31.08 -7.12 -10.82
C LYS A 409 -32.34 -7.00 -9.96
N GLN A 410 -32.65 -5.84 -9.37
CA GLN A 410 -33.74 -5.72 -8.37
C GLN A 410 -34.89 -4.90 -8.99
N ASP A 411 -35.87 -5.60 -9.59
CA ASP A 411 -37.05 -5.00 -10.24
C ASP A 411 -38.33 -5.52 -9.58
N PHE A 412 -39.15 -4.59 -9.07
CA PHE A 412 -40.47 -4.84 -8.46
C PHE A 412 -41.61 -4.41 -9.40
N CYS A 413 -41.31 -3.94 -10.61
CA CYS A 413 -42.31 -3.37 -11.54
C CYS A 413 -42.95 -4.45 -12.44
N HIS A 414 -42.53 -5.72 -12.31
CA HIS A 414 -42.99 -6.87 -13.14
C HIS A 414 -43.54 -7.98 -12.25
N GLY A 415 -44.06 -7.63 -11.06
CA GLY A 415 -44.67 -8.57 -10.11
C GLY A 415 -43.64 -9.26 -9.25
N GLN A 416 -43.86 -10.54 -8.92
CA GLN A 416 -42.97 -11.35 -8.07
C GLN A 416 -41.59 -11.41 -8.72
N VAL A 417 -40.52 -11.26 -7.91
CA VAL A 417 -39.10 -11.10 -8.31
C VAL A 417 -38.48 -12.49 -8.61
N MET A 418 -37.37 -12.56 -9.36
CA MET A 418 -36.61 -13.83 -9.65
C MET A 418 -35.14 -13.72 -9.23
N TRP A 419 -34.79 -12.61 -8.58
CA TRP A 419 -33.42 -12.28 -8.11
C TRP A 419 -33.52 -11.91 -6.63
N PRO A 420 -32.76 -12.55 -5.72
CA PRO A 420 -31.73 -13.52 -6.08
C PRO A 420 -32.25 -14.85 -6.64
N PRO A 421 -31.38 -15.61 -7.31
CA PRO A 421 -31.78 -16.89 -7.93
C PRO A 421 -32.20 -17.95 -6.92
N LEU A 422 -33.25 -18.70 -7.24
CA LEU A 422 -33.87 -19.73 -6.37
C LEU A 422 -32.83 -20.79 -6.01
N SER A 423 -31.82 -20.97 -6.87
CA SER A 423 -30.68 -21.90 -6.63
C SER A 423 -30.03 -21.58 -5.27
N ALA A 424 -30.14 -20.34 -4.77
CA ALA A 424 -29.48 -19.89 -3.51
C ALA A 424 -30.27 -20.33 -2.27
N LEU A 425 -31.53 -20.70 -2.42
CA LEU A 425 -32.37 -20.97 -1.24
C LEU A 425 -31.80 -22.15 -0.46
N GLN A 426 -31.72 -22.00 0.84
CA GLN A 426 -31.46 -23.11 1.79
C GLN A 426 -32.42 -22.94 2.97
N VAL A 427 -33.40 -23.83 3.05
CA VAL A 427 -34.48 -23.75 4.08
C VAL A 427 -33.89 -24.17 5.41
N LYS A 428 -34.26 -23.46 6.47
CA LYS A 428 -33.98 -23.83 7.86
C LYS A 428 -35.32 -23.82 8.61
N LEU A 429 -35.44 -24.58 9.69
CA LEU A 429 -36.62 -24.52 10.59
C LEU A 429 -36.15 -23.88 11.90
N ALA A 430 -36.45 -22.61 12.09
CA ALA A 430 -36.35 -21.89 13.38
C ALA A 430 -37.10 -22.69 14.46
N GLU A 431 -36.52 -22.83 15.65
CA GLU A 431 -37.19 -23.49 16.80
C GLU A 431 -38.07 -22.44 17.49
N PRO A 432 -39.05 -22.83 18.34
CA PRO A 432 -39.95 -21.87 18.96
C PRO A 432 -39.10 -20.81 19.65
N GLY A 433 -39.48 -19.54 19.56
CA GLY A 433 -38.80 -18.42 20.22
C GLY A 433 -37.64 -17.88 19.39
N GLN A 434 -37.41 -18.41 18.18
CA GLN A 434 -36.31 -17.99 17.27
C GLN A 434 -36.89 -17.43 15.97
N SER A 435 -36.47 -16.24 15.53
CA SER A 435 -36.88 -15.62 14.25
C SER A 435 -36.19 -16.33 13.08
N CYS A 436 -36.71 -16.16 11.87
CA CYS A 436 -36.01 -16.58 10.64
C CYS A 436 -34.72 -15.78 10.52
N LYS A 437 -34.74 -14.52 10.92
CA LYS A 437 -33.54 -13.65 10.93
C LYS A 437 -32.42 -14.39 11.68
N GLN A 438 -32.65 -14.82 12.92
CA GLN A 438 -31.67 -15.51 13.81
C GLN A 438 -31.26 -16.85 13.19
N VAL A 439 -32.22 -17.69 12.80
CA VAL A 439 -31.86 -19.08 12.44
C VAL A 439 -30.89 -19.03 11.25
N CYS A 440 -31.07 -18.10 10.32
CA CYS A 440 -30.20 -17.99 9.13
C CYS A 440 -28.81 -17.49 9.61
N GLN A 441 -28.81 -16.41 10.36
CA GLN A 441 -27.62 -15.71 10.88
C GLN A 441 -26.79 -16.70 11.72
N GLU A 442 -27.42 -17.32 12.70
CA GLU A 442 -26.70 -18.28 13.60
C GLU A 442 -26.06 -19.40 12.75
N SER A 443 -26.55 -19.66 11.55
CA SER A 443 -25.97 -20.69 10.63
C SER A 443 -25.14 -20.01 9.54
N GLN A 444 -24.71 -18.78 9.80
CA GLN A 444 -23.80 -18.01 8.90
C GLN A 444 -24.46 -17.84 7.51
N LEU A 445 -25.75 -17.60 7.48
CA LEU A 445 -26.53 -17.27 6.25
C LEU A 445 -27.35 -16.04 6.55
N ILE A 446 -28.03 -15.51 5.53
CA ILE A 446 -28.93 -14.35 5.70
C ILE A 446 -30.33 -14.75 5.21
N CYS A 447 -31.35 -14.39 5.98
CA CYS A 447 -32.76 -14.57 5.60
C CYS A 447 -32.99 -13.80 4.30
N GLU A 448 -33.59 -14.45 3.30
CA GLU A 448 -33.89 -13.86 1.99
C GLU A 448 -35.40 -13.81 1.83
N PRO A 449 -36.05 -12.65 2.03
CA PRO A 449 -37.50 -12.56 1.98
C PRO A 449 -38.14 -12.89 0.62
N SER A 450 -37.42 -12.73 -0.50
CA SER A 450 -37.98 -12.98 -1.86
C SER A 450 -38.18 -14.47 -2.13
N PHE A 451 -37.65 -15.35 -1.28
CA PHE A 451 -37.81 -16.83 -1.39
C PHE A 451 -39.06 -17.31 -0.62
N PHE A 452 -39.67 -16.44 0.19
CA PHE A 452 -40.82 -16.76 1.09
C PHE A 452 -42.01 -17.25 0.27
N GLN A 453 -42.20 -16.71 -0.93
CA GLN A 453 -43.37 -17.01 -1.80
C GLN A 453 -43.30 -18.46 -2.30
N HIS A 454 -42.11 -19.07 -2.26
CA HIS A 454 -41.85 -20.45 -2.75
C HIS A 454 -41.97 -21.45 -1.60
N LEU A 455 -42.23 -20.97 -0.37
CA LEU A 455 -42.52 -21.83 0.80
C LEU A 455 -44.03 -21.84 1.04
N ASN A 456 -44.75 -22.49 0.13
CA ASN A 456 -46.24 -22.50 0.07
C ASN A 456 -46.79 -23.90 0.32
N LYS A 457 -45.94 -24.94 0.38
CA LYS A 457 -46.37 -26.36 0.53
C LYS A 457 -45.25 -27.18 1.18
N ASP A 458 -45.59 -28.28 1.86
CA ASP A 458 -44.65 -29.10 2.70
C ASP A 458 -43.64 -29.86 1.83
N LYS A 459 -43.92 -30.10 0.54
CA LYS A 459 -42.97 -30.68 -0.44
C LYS A 459 -41.55 -30.19 -0.14
N LYS A 465 -37.57 -32.03 7.33
CA LYS A 465 -38.15 -33.01 8.28
C LYS A 465 -39.56 -32.58 8.72
N VAL A 466 -40.31 -31.87 7.86
CA VAL A 466 -41.69 -31.34 8.10
C VAL A 466 -42.67 -31.97 7.08
N THR A 467 -43.63 -32.79 7.54
CA THR A 467 -44.82 -33.27 6.78
C THR A 467 -46.09 -32.92 7.57
N CYS A 468 -47.02 -32.21 6.91
CA CYS A 468 -48.31 -31.77 7.50
C CYS A 468 -49.31 -32.91 7.46
N GLN A 469 -50.09 -33.07 8.51
CA GLN A 469 -51.31 -33.90 8.45
C GLN A 469 -52.53 -33.03 8.20
N SER A 470 -52.38 -31.71 8.38
CA SER A 470 -53.40 -30.70 8.09
C SER A 470 -52.71 -29.36 7.81
N SER A 471 -53.32 -28.52 7.00
CA SER A 471 -52.77 -27.17 6.77
C SER A 471 -53.91 -26.14 6.79
N GLU A 472 -53.58 -24.90 7.15
CA GLU A 472 -54.52 -23.77 7.02
C GLU A 472 -53.78 -22.53 6.54
N LEU A 473 -54.56 -21.53 6.12
CA LEU A 473 -54.06 -20.21 5.67
C LEU A 473 -54.24 -19.24 6.83
N ALA A 474 -53.27 -18.37 6.99
CA ALA A 474 -53.34 -17.28 7.95
C ALA A 474 -52.52 -16.10 7.42
N LYS A 475 -52.94 -14.91 7.86
CA LYS A 475 -52.34 -13.61 7.56
C LYS A 475 -51.60 -13.20 8.82
N ASP A 476 -50.36 -13.62 8.94
CA ASP A 476 -49.57 -13.48 10.18
C ASP A 476 -48.13 -13.45 9.72
N ILE A 477 -47.31 -12.65 10.39
CA ILE A 477 -45.87 -12.48 10.04
C ILE A 477 -45.07 -13.74 10.43
N LEU A 478 -45.65 -14.66 11.20
CA LEU A 478 -44.93 -15.81 11.81
C LEU A 478 -45.09 -17.07 10.96
N VAL A 479 -45.82 -17.00 9.86
CA VAL A 479 -46.05 -18.17 8.97
C VAL A 479 -45.29 -17.95 7.67
N PRO A 480 -44.92 -19.01 6.92
CA PRO A 480 -45.26 -20.40 7.26
C PRO A 480 -44.68 -20.91 8.57
N SER A 481 -45.50 -21.63 9.34
CA SER A 481 -45.14 -22.23 10.64
C SER A 481 -45.60 -23.70 10.68
N PHE A 482 -44.85 -24.53 11.39
CA PHE A 482 -45.15 -25.95 11.65
C PHE A 482 -45.32 -26.13 13.16
N ASP A 483 -46.39 -26.80 13.58
CA ASP A 483 -46.59 -27.27 14.97
C ASP A 483 -46.20 -28.74 15.01
N PRO A 484 -45.01 -29.10 15.53
CA PRO A 484 -44.51 -30.48 15.44
C PRO A 484 -45.22 -31.42 16.41
N LYS A 485 -45.98 -30.89 17.38
CA LYS A 485 -46.86 -31.67 18.28
C LYS A 485 -48.03 -32.23 17.48
N ASN A 486 -48.73 -31.40 16.68
CA ASN A 486 -49.97 -31.75 15.94
C ASN A 486 -49.68 -32.04 14.46
N LYS A 487 -48.44 -31.83 13.99
CA LYS A 487 -48.05 -31.95 12.55
C LYS A 487 -49.03 -31.12 11.68
N HIS A 488 -49.41 -29.93 12.18
CA HIS A 488 -50.27 -28.93 11.50
C HIS A 488 -49.40 -27.80 10.92
N CYS A 489 -49.45 -27.58 9.61
CA CYS A 489 -48.76 -26.46 8.91
C CYS A 489 -49.71 -25.28 8.75
N VAL A 490 -49.15 -24.09 8.79
CA VAL A 490 -49.90 -22.83 8.54
C VAL A 490 -49.13 -22.08 7.45
N PHE A 491 -49.80 -21.74 6.36
CA PHE A 491 -49.17 -21.00 5.24
C PHE A 491 -49.66 -19.55 5.29
N GLN A 492 -48.81 -18.68 4.77
CA GLN A 492 -49.09 -17.23 4.57
C GLN A 492 -50.23 -17.04 3.58
N GLY A 493 -51.26 -16.29 4.00
CA GLY A 493 -52.38 -15.88 3.15
C GLY A 493 -52.23 -14.47 2.61
N ASP A 494 -51.28 -13.67 3.14
CA ASP A 494 -51.03 -12.26 2.73
C ASP A 494 -49.57 -12.13 2.27
N LEU A 495 -49.33 -11.84 0.99
CA LEU A 495 -47.96 -11.73 0.41
C LEU A 495 -47.18 -10.63 1.12
N LEU A 496 -47.86 -9.62 1.63
CA LEU A 496 -47.13 -8.48 2.23
C LEU A 496 -46.84 -8.74 3.71
N LEU A 497 -47.13 -9.92 4.26
CA LEU A 497 -46.88 -10.15 5.70
C LEU A 497 -45.72 -11.12 5.90
N PHE A 498 -45.08 -11.57 4.82
CA PHE A 498 -43.85 -12.40 4.93
C PHE A 498 -42.80 -11.60 5.70
N SER A 499 -42.18 -12.18 6.74
CA SER A 499 -41.28 -11.48 7.68
C SER A 499 -40.12 -12.38 8.11
N CYS A 500 -38.87 -11.97 7.84
CA CYS A 500 -37.64 -12.57 8.41
C CYS A 500 -37.68 -12.39 9.93
N ALA A 501 -38.23 -11.26 10.34
CA ALA A 501 -38.45 -10.86 11.73
C ALA A 501 -39.65 -11.60 12.31
N GLY A 502 -39.60 -11.87 13.60
CA GLY A 502 -40.69 -12.53 14.35
C GLY A 502 -40.33 -13.95 14.72
N ALA A 503 -40.55 -14.32 15.99
CA ALA A 503 -40.37 -15.67 16.56
C ALA A 503 -41.76 -16.18 16.95
N HIS A 504 -42.04 -17.47 16.74
CA HIS A 504 -43.27 -18.12 17.29
C HIS A 504 -42.97 -18.60 18.71
N PRO A 505 -43.81 -18.24 19.73
CA PRO A 505 -43.66 -18.84 21.07
C PRO A 505 -43.72 -20.38 21.07
N ARG A 506 -44.68 -20.98 20.36
CA ARG A 506 -44.99 -22.42 20.43
C ARG A 506 -44.41 -23.17 19.21
N HIS A 507 -44.50 -22.61 18.00
CA HIS A 507 -44.31 -23.38 16.74
C HIS A 507 -42.95 -23.06 16.13
N GLN A 508 -42.52 -23.90 15.18
CA GLN A 508 -41.30 -23.70 14.37
C GLN A 508 -41.68 -22.85 13.16
N ARG A 509 -40.86 -21.90 12.76
CA ARG A 509 -41.02 -21.14 11.51
C ARG A 509 -40.20 -21.86 10.45
N VAL A 510 -40.77 -22.00 9.26
CA VAL A 510 -40.06 -22.41 8.02
C VAL A 510 -39.47 -21.13 7.43
N CYS A 511 -38.15 -21.14 7.22
CA CYS A 511 -37.32 -19.94 6.96
C CYS A 511 -36.53 -20.10 5.68
N PRO A 512 -36.62 -19.08 4.80
CA PRO A 512 -35.79 -19.03 3.60
C PRO A 512 -34.46 -18.32 3.85
N CYS A 513 -33.35 -19.05 3.85
CA CYS A 513 -32.00 -18.45 3.97
C CYS A 513 -31.31 -18.51 2.61
N ARG A 514 -30.35 -17.62 2.39
CA ARG A 514 -29.36 -17.71 1.31
C ARG A 514 -27.96 -17.56 1.90
N ASP A 515 -26.96 -18.11 1.20
CA ASP A 515 -25.53 -17.77 1.38
C ASP A 515 -25.36 -16.29 1.07
N PHE A 516 -24.28 -15.70 1.59
CA PHE A 516 -23.86 -14.33 1.25
C PHE A 516 -22.35 -14.32 1.13
N ILE A 517 -21.82 -13.30 0.45
CA ILE A 517 -20.36 -13.06 0.26
C ILE A 517 -19.79 -12.35 1.48
N LYS A 518 -18.72 -12.91 2.07
CA LYS A 518 -17.98 -12.28 3.17
C LYS A 518 -17.55 -10.90 2.67
N GLY A 519 -17.90 -9.85 3.40
CA GLY A 519 -17.60 -8.47 3.02
C GLY A 519 -18.63 -7.89 2.07
N GLN A 520 -19.60 -8.68 1.59
CA GLN A 520 -20.68 -8.22 0.65
C GLN A 520 -21.95 -9.03 0.89
N VAL A 521 -22.53 -8.83 2.07
CA VAL A 521 -23.69 -9.57 2.65
C VAL A 521 -24.90 -9.44 1.72
N ALA A 522 -25.06 -8.30 1.06
CA ALA A 522 -26.24 -7.98 0.22
C ALA A 522 -26.35 -8.96 -0.93
N LEU A 523 -25.25 -9.60 -1.34
CA LEU A 523 -25.20 -10.57 -2.47
C LEU A 523 -24.85 -11.97 -1.98
N CYS A 524 -25.26 -12.95 -2.80
CA CYS A 524 -25.00 -14.41 -2.68
C CYS A 524 -24.02 -14.75 -3.80
N LYS A 525 -23.45 -15.96 -3.86
CA LYS A 525 -22.42 -16.26 -4.91
C LYS A 525 -23.09 -16.26 -6.31
N ASP A 526 -24.21 -16.93 -6.53
CA ASP A 526 -24.89 -16.97 -7.85
C ASP A 526 -25.40 -15.57 -8.24
N CYS A 527 -25.63 -14.66 -7.30
CA CYS A 527 -26.19 -13.31 -7.51
C CYS A 527 -25.43 -12.56 -8.61
N LEU A 528 -24.21 -13.03 -8.95
CA LEU A 528 -23.36 -12.59 -10.09
C LEU A 528 -23.52 -11.07 -10.30
N SER B 1 50.75 -18.28 -18.04
CA SER B 1 49.33 -18.67 -17.88
C SER B 1 48.87 -18.42 -16.43
N LEU B 2 49.78 -18.24 -15.47
CA LEU B 2 49.42 -17.82 -14.08
C LEU B 2 49.59 -16.30 -13.93
N ALA B 3 48.99 -15.65 -12.92
CA ALA B 3 48.88 -14.17 -12.82
C ALA B 3 49.76 -13.61 -11.70
N GLU B 4 50.44 -12.47 -11.95
CA GLU B 4 51.37 -11.78 -11.01
C GLU B 4 50.93 -10.33 -10.78
N ILE B 5 50.64 -9.95 -9.54
CA ILE B 5 50.25 -8.58 -9.11
C ILE B 5 51.35 -7.60 -9.53
N ARG B 6 51.13 -6.79 -10.57
CA ARG B 6 52.03 -5.71 -11.03
C ARG B 6 52.09 -4.57 -9.99
N THR B 7 53.20 -3.81 -9.97
CA THR B 7 53.38 -2.56 -9.17
C THR B 7 54.10 -1.45 -9.96
N ASP B 8 54.17 -1.51 -11.30
CA ASP B 8 54.85 -0.47 -12.14
C ASP B 8 53.97 -0.04 -13.31
N PHE B 9 53.31 1.11 -13.18
CA PHE B 9 52.26 1.62 -14.10
C PHE B 9 52.82 1.98 -15.49
N ASN B 10 54.09 1.68 -15.74
CA ASN B 10 54.78 2.02 -17.02
C ASN B 10 54.03 1.39 -18.21
N ILE B 11 53.85 0.07 -18.21
CA ILE B 11 53.18 -0.70 -19.30
C ILE B 11 51.77 -0.13 -19.49
N LEU B 12 51.04 0.04 -18.39
CA LEU B 12 49.70 0.64 -18.40
C LEU B 12 49.80 2.00 -19.11
N TYR B 13 50.72 2.88 -18.66
CA TYR B 13 50.73 4.30 -19.09
C TYR B 13 50.90 4.37 -20.60
N SER B 14 51.67 3.46 -21.21
CA SER B 14 51.85 3.38 -22.68
C SER B 14 50.54 2.92 -23.34
N MET B 15 49.80 2.00 -22.70
CA MET B 15 48.43 1.59 -23.13
C MET B 15 47.50 2.81 -23.15
N MET B 16 47.59 3.66 -22.13
CA MET B 16 46.67 4.82 -21.94
C MET B 16 47.20 6.07 -22.67
N LYS B 17 48.41 5.99 -23.24
CA LYS B 17 49.00 7.07 -24.07
C LYS B 17 48.33 7.06 -25.46
N LYS B 18 47.65 5.98 -25.82
CA LYS B 18 47.30 5.67 -27.23
C LYS B 18 45.95 6.31 -27.59
N HIS B 19 45.39 7.14 -26.71
CA HIS B 19 44.32 8.11 -27.06
C HIS B 19 44.41 9.33 -26.14
N GLU B 20 44.32 10.52 -26.72
CA GLU B 20 44.16 11.79 -25.97
C GLU B 20 42.93 11.65 -25.05
N GLU B 21 41.89 10.96 -25.52
CA GLU B 21 40.62 10.76 -24.79
C GLU B 21 40.91 10.19 -23.40
N PHE B 22 42.00 9.44 -23.24
CA PHE B 22 42.41 8.78 -21.97
C PHE B 22 43.14 9.71 -21.01
N ARG B 23 43.48 10.92 -21.45
CA ARG B 23 44.32 11.85 -20.66
C ARG B 23 43.77 11.96 -19.22
N TRP B 24 42.49 12.32 -19.07
CA TRP B 24 41.83 12.52 -17.75
C TRP B 24 42.06 11.29 -16.86
N MET B 25 42.02 10.09 -17.44
CA MET B 25 42.11 8.82 -16.69
C MET B 25 43.56 8.60 -16.29
N ARG B 26 44.48 8.71 -17.26
CA ARG B 26 45.95 8.76 -17.05
C ARG B 26 46.26 9.58 -15.79
N LEU B 27 45.80 10.84 -15.76
CA LEU B 27 46.12 11.80 -14.68
C LEU B 27 45.60 11.25 -13.35
N ARG B 28 44.35 10.80 -13.33
CA ARG B 28 43.73 10.25 -12.11
C ARG B 28 44.62 9.13 -11.62
N ILE B 29 45.00 8.22 -12.52
CA ILE B 29 45.73 6.97 -12.16
C ILE B 29 47.07 7.39 -11.57
N ARG B 30 47.81 8.19 -12.33
CA ARG B 30 49.11 8.79 -11.91
C ARG B 30 48.95 9.32 -10.48
N ARG B 31 48.00 10.24 -10.26
CA ARG B 31 47.74 10.83 -8.92
C ARG B 31 47.64 9.73 -7.87
N MET B 32 46.88 8.67 -8.10
CA MET B 32 46.52 7.72 -7.02
C MET B 32 47.48 6.53 -6.97
N ALA B 33 48.42 6.43 -7.92
CA ALA B 33 49.33 5.27 -8.12
C ALA B 33 49.97 4.76 -6.82
N ASP B 34 50.40 5.63 -5.92
CA ASP B 34 51.03 5.21 -4.64
C ASP B 34 49.98 4.51 -3.78
N ALA B 35 48.79 5.10 -3.67
CA ALA B 35 47.68 4.52 -2.90
C ALA B 35 47.32 3.16 -3.51
N TRP B 36 47.32 3.07 -4.85
CA TRP B 36 46.92 1.86 -5.61
C TRP B 36 47.91 0.75 -5.28
N ILE B 37 49.20 1.08 -5.23
CA ILE B 37 50.28 0.08 -5.10
C ILE B 37 50.38 -0.39 -3.65
N GLN B 38 50.28 0.52 -2.68
CA GLN B 38 50.19 0.13 -1.24
C GLN B 38 49.03 -0.87 -1.12
N ALA B 39 47.92 -0.58 -1.80
CA ALA B 39 46.67 -1.35 -1.70
C ALA B 39 46.91 -2.79 -2.15
N ILE B 40 47.36 -2.99 -3.39
CA ILE B 40 47.62 -4.34 -3.97
C ILE B 40 48.59 -5.10 -3.04
N LYS B 41 49.66 -4.46 -2.57
CA LYS B 41 50.63 -5.08 -1.62
C LYS B 41 49.88 -5.52 -0.35
N SER B 42 49.11 -4.59 0.22
CA SER B 42 48.42 -4.80 1.52
C SER B 42 47.44 -5.99 1.40
N LEU B 43 46.72 -6.08 0.29
CA LEU B 43 45.72 -7.15 0.06
C LEU B 43 46.45 -8.50 -0.07
N ALA B 44 47.60 -8.52 -0.76
CA ALA B 44 48.37 -9.74 -1.05
C ALA B 44 48.96 -10.29 0.25
N GLU B 45 49.02 -9.48 1.31
CA GLU B 45 49.52 -9.91 2.64
C GLU B 45 48.35 -10.26 3.58
N LYS B 46 47.12 -9.82 3.31
CA LYS B 46 45.91 -10.19 4.11
C LYS B 46 45.18 -11.38 3.48
N GLN B 47 45.49 -11.71 2.23
CA GLN B 47 44.71 -12.61 1.34
C GLN B 47 45.70 -13.41 0.51
N ASN B 48 45.62 -14.74 0.50
CA ASN B 48 46.49 -15.55 -0.40
C ASN B 48 45.99 -15.31 -1.82
N LEU B 49 46.62 -14.42 -2.60
CA LEU B 49 46.22 -14.13 -4.01
C LEU B 49 47.20 -14.87 -4.94
N GLU B 50 47.68 -16.03 -4.51
CA GLU B 50 48.50 -16.90 -5.38
C GLU B 50 47.56 -17.87 -6.09
N LYS B 51 48.09 -18.57 -7.11
CA LYS B 51 47.39 -19.62 -7.90
C LYS B 51 46.13 -19.03 -8.57
N ARG B 52 46.27 -17.96 -9.34
CA ARG B 52 45.21 -17.38 -10.19
C ARG B 52 45.68 -17.42 -11.64
N LYS B 53 44.82 -17.81 -12.57
CA LYS B 53 45.14 -17.80 -14.03
C LYS B 53 45.18 -16.33 -14.48
N ARG B 54 46.20 -15.97 -15.25
CA ARG B 54 46.25 -14.72 -16.06
C ARG B 54 45.09 -14.84 -17.05
N LYS B 55 44.20 -13.84 -17.09
CA LYS B 55 43.00 -13.86 -17.97
C LYS B 55 43.16 -12.78 -19.03
N LYS B 56 42.99 -13.16 -20.30
CA LYS B 56 42.94 -12.20 -21.43
C LYS B 56 41.55 -11.54 -21.38
N VAL B 57 41.56 -10.20 -21.39
CA VAL B 57 40.43 -9.31 -21.02
C VAL B 57 40.28 -8.23 -22.09
N LEU B 58 39.13 -8.18 -22.75
CA LEU B 58 38.76 -7.04 -23.60
C LEU B 58 38.16 -6.02 -22.64
N VAL B 59 38.39 -4.74 -22.90
CA VAL B 59 37.63 -3.63 -22.29
C VAL B 59 37.36 -2.65 -23.42
N HIS B 60 36.09 -2.29 -23.63
CA HIS B 60 35.63 -1.49 -24.79
C HIS B 60 34.79 -0.33 -24.30
N LEU B 61 35.25 0.89 -24.49
CA LEU B 61 34.60 2.10 -23.94
C LEU B 61 33.86 2.81 -25.06
N GLY B 62 32.66 2.34 -25.38
CA GLY B 62 31.76 2.99 -26.36
C GLY B 62 31.62 4.46 -26.03
N LEU B 63 31.61 4.78 -24.74
CA LEU B 63 31.67 6.15 -24.19
C LEU B 63 32.60 7.07 -25.01
N LEU B 64 33.72 6.53 -25.53
CA LEU B 64 34.80 7.29 -26.22
C LEU B 64 34.72 7.15 -27.74
N THR B 65 33.64 6.59 -28.29
CA THR B 65 33.50 6.38 -29.77
C THR B 65 32.63 7.49 -30.38
N LEU B 82 31.96 10.89 -16.60
CA LEU B 82 32.80 11.54 -15.55
C LEU B 82 32.89 10.59 -14.35
N GLY B 83 31.77 10.42 -13.64
CA GLY B 83 31.53 9.23 -12.81
C GLY B 83 31.88 7.99 -13.58
N GLU B 84 31.52 7.90 -14.86
CA GLU B 84 31.91 6.76 -15.73
C GLU B 84 33.44 6.62 -15.77
N LEU B 85 34.12 7.63 -16.29
CA LEU B 85 35.59 7.62 -16.47
C LEU B 85 36.31 7.26 -15.16
N VAL B 86 35.78 7.70 -14.02
CA VAL B 86 36.34 7.31 -12.70
C VAL B 86 36.29 5.79 -12.60
N GLN B 87 35.10 5.21 -12.77
CA GLN B 87 34.88 3.76 -12.56
C GLN B 87 35.75 2.97 -13.55
N TRP B 88 35.76 3.39 -14.81
CA TRP B 88 36.65 2.82 -15.85
C TRP B 88 38.12 2.86 -15.38
N SER B 89 38.58 4.05 -14.95
CA SER B 89 39.95 4.27 -14.40
C SER B 89 40.23 3.20 -13.37
N ASP B 90 39.34 3.08 -12.39
CA ASP B 90 39.57 2.26 -11.18
C ASP B 90 39.52 0.81 -11.61
N LEU B 91 38.64 0.49 -12.55
CA LEU B 91 38.50 -0.89 -13.06
C LEU B 91 39.78 -1.27 -13.78
N ILE B 92 40.10 -0.51 -14.83
CA ILE B 92 41.26 -0.81 -15.70
C ILE B 92 42.46 -0.99 -14.81
N THR B 93 42.66 -0.11 -13.83
CA THR B 93 43.80 -0.11 -12.89
C THR B 93 43.80 -1.43 -12.13
N SER B 94 42.67 -1.79 -11.53
CA SER B 94 42.55 -3.02 -10.70
C SER B 94 42.94 -4.22 -11.58
N LEU B 95 42.50 -4.23 -12.84
CA LEU B 95 42.77 -5.37 -13.75
C LEU B 95 44.29 -5.53 -13.91
N TYR B 96 45.00 -4.40 -14.05
CA TYR B 96 46.47 -4.32 -14.22
C TYR B 96 47.20 -4.84 -12.97
N LEU B 97 46.95 -4.20 -11.83
CA LEU B 97 47.59 -4.56 -10.55
C LEU B 97 47.39 -6.05 -10.24
N LEU B 98 46.36 -6.70 -10.78
CA LEU B 98 46.02 -8.12 -10.51
C LEU B 98 46.71 -9.04 -11.54
N GLY B 99 47.28 -8.44 -12.58
CA GLY B 99 48.22 -9.11 -13.51
C GLY B 99 47.51 -9.74 -14.69
N HIS B 100 46.41 -9.16 -15.15
CA HIS B 100 45.60 -9.76 -16.26
C HIS B 100 46.06 -9.14 -17.58
N ASP B 101 45.78 -9.82 -18.69
CA ASP B 101 46.26 -9.49 -20.06
C ASP B 101 45.19 -8.61 -20.70
N ILE B 102 45.28 -7.29 -20.56
CA ILE B 102 44.17 -6.37 -20.93
C ILE B 102 44.36 -5.85 -22.36
N ARG B 103 43.33 -5.96 -23.19
CA ARG B 103 43.27 -5.22 -24.47
C ARG B 103 42.22 -4.11 -24.33
N ILE B 104 42.64 -2.85 -24.14
CA ILE B 104 41.74 -1.67 -24.16
C ILE B 104 41.41 -1.35 -25.63
N SER B 105 40.14 -1.31 -25.98
CA SER B 105 39.61 -0.77 -27.26
C SER B 105 38.78 0.48 -26.95
N ALA B 106 38.70 1.44 -27.87
CA ALA B 106 37.85 2.65 -27.72
C ALA B 106 37.29 3.15 -29.06
N SER B 107 37.25 2.27 -30.07
CA SER B 107 36.67 2.55 -31.41
C SER B 107 36.12 1.24 -32.00
N LEU B 108 35.19 1.35 -32.94
CA LEU B 108 34.61 0.18 -33.66
C LEU B 108 35.74 -0.62 -34.31
N ALA B 109 36.68 0.09 -34.92
CA ALA B 109 37.84 -0.46 -35.66
C ALA B 109 38.77 -1.22 -34.70
N GLU B 110 39.07 -0.66 -33.52
CA GLU B 110 39.88 -1.35 -32.48
C GLU B 110 39.17 -2.64 -32.07
N LEU B 111 37.89 -2.53 -31.70
CA LEU B 111 37.05 -3.71 -31.34
C LEU B 111 37.09 -4.72 -32.50
N LYS B 112 36.64 -4.29 -33.68
CA LYS B 112 36.58 -5.11 -34.93
C LYS B 112 37.92 -5.83 -35.14
N GLU B 113 39.05 -5.13 -34.94
CA GLU B 113 40.42 -5.70 -35.12
C GLU B 113 40.63 -6.75 -34.03
N ILE B 114 40.43 -6.36 -32.77
CA ILE B 114 40.72 -7.22 -31.59
C ILE B 114 39.98 -8.56 -31.75
N MET B 115 38.86 -8.60 -32.47
CA MET B 115 38.03 -9.83 -32.59
C MET B 115 38.39 -10.58 -33.88
N LYS B 116 37.95 -10.08 -35.04
CA LYS B 116 38.22 -10.66 -36.38
C LYS B 116 39.74 -10.74 -36.56
N ASP B 130 34.21 -17.29 -26.22
CA ASP B 130 34.63 -18.69 -26.48
C ASP B 130 36.14 -18.81 -26.27
N ARG B 131 36.95 -18.25 -27.17
CA ARG B 131 38.41 -18.55 -27.24
C ARG B 131 39.26 -17.28 -27.13
N ILE B 132 38.96 -16.19 -27.86
CA ILE B 132 39.98 -15.10 -28.06
C ILE B 132 40.01 -14.18 -26.85
N VAL B 133 39.04 -14.22 -25.95
CA VAL B 133 39.13 -13.48 -24.65
C VAL B 133 38.37 -14.30 -23.61
N GLU B 134 38.48 -13.98 -22.32
CA GLU B 134 37.82 -14.74 -21.22
C GLU B 134 36.89 -13.81 -20.46
N LEU B 135 37.20 -12.52 -20.42
CA LEU B 135 36.33 -11.49 -19.80
C LEU B 135 36.19 -10.33 -20.77
N ILE B 136 35.05 -9.67 -20.73
CA ILE B 136 34.77 -8.48 -21.57
C ILE B 136 34.08 -7.48 -20.64
N TYR B 137 34.71 -6.34 -20.44
CA TYR B 137 34.09 -5.22 -19.68
C TYR B 137 33.67 -4.19 -20.71
N ILE B 138 32.47 -3.67 -20.58
CA ILE B 138 31.86 -2.86 -21.65
C ILE B 138 30.75 -2.03 -21.01
N ASP B 139 30.32 -0.99 -21.70
CA ASP B 139 29.16 -0.15 -21.30
C ASP B 139 28.02 -0.45 -22.27
N ILE B 140 26.88 0.20 -22.06
CA ILE B 140 25.61 -0.06 -22.79
C ILE B 140 25.80 0.32 -24.26
N VAL B 141 26.37 1.48 -24.53
CA VAL B 141 26.69 1.89 -25.92
C VAL B 141 27.56 0.80 -26.56
N GLY B 142 28.58 0.32 -25.85
CA GLY B 142 29.59 -0.61 -26.40
C GLY B 142 28.96 -1.93 -26.76
N LEU B 143 27.91 -2.28 -26.01
CA LEU B 143 27.20 -3.56 -26.14
C LEU B 143 26.48 -3.60 -27.47
N ALA B 144 25.87 -2.49 -27.88
CA ALA B 144 25.17 -2.36 -29.18
C ALA B 144 26.20 -2.53 -30.31
N GLN B 145 27.36 -1.91 -30.11
CA GLN B 145 28.52 -1.96 -31.05
C GLN B 145 29.09 -3.39 -31.06
N PHE B 146 29.28 -3.99 -29.89
CA PHE B 146 29.81 -5.38 -29.76
C PHE B 146 28.88 -6.35 -30.51
N LYS B 147 27.57 -6.23 -30.29
CA LYS B 147 26.55 -7.11 -30.94
C LYS B 147 26.64 -6.93 -32.45
N LYS B 148 26.57 -5.68 -32.92
CA LYS B 148 26.62 -5.34 -34.37
C LYS B 148 27.90 -5.95 -34.96
N THR B 149 28.99 -6.00 -34.19
CA THR B 149 30.30 -6.51 -34.67
C THR B 149 30.28 -8.03 -34.77
N LEU B 150 30.05 -8.73 -33.66
CA LEU B 150 30.14 -10.21 -33.57
C LEU B 150 29.04 -10.91 -34.37
N GLY B 151 27.93 -10.21 -34.68
CA GLY B 151 26.68 -10.78 -35.25
C GLY B 151 26.32 -12.14 -34.62
N PRO B 152 26.31 -13.25 -35.39
CA PRO B 152 25.87 -14.54 -34.87
C PRO B 152 26.70 -15.03 -33.66
N SER B 153 28.02 -14.83 -33.68
CA SER B 153 28.96 -15.44 -32.69
C SER B 153 28.77 -14.78 -31.31
N TRP B 154 28.03 -13.67 -31.28
CA TRP B 154 27.56 -12.99 -30.06
C TRP B 154 27.46 -14.02 -28.92
N VAL B 155 26.72 -15.09 -29.17
CA VAL B 155 26.32 -16.11 -28.17
C VAL B 155 27.58 -16.80 -27.60
N HIS B 156 28.60 -16.95 -28.43
CA HIS B 156 29.86 -17.63 -28.03
C HIS B 156 30.61 -16.78 -26.99
N TYR B 157 30.26 -15.51 -26.79
CA TYR B 157 31.02 -14.57 -25.90
C TYR B 157 30.11 -13.96 -24.82
N GLN B 158 28.79 -14.09 -24.93
CA GLN B 158 27.88 -13.25 -24.10
C GLN B 158 28.07 -13.57 -22.62
N CYS B 159 28.44 -14.81 -22.26
CA CYS B 159 28.54 -15.21 -20.84
C CYS B 159 29.69 -14.45 -20.16
N MET B 160 30.58 -13.83 -20.95
CA MET B 160 31.80 -13.15 -20.45
C MET B 160 31.56 -11.65 -20.23
N LEU B 161 30.52 -11.08 -20.84
CA LEU B 161 30.19 -9.64 -20.71
C LEU B 161 30.00 -9.24 -19.24
N ARG B 162 30.64 -8.14 -18.85
CA ARG B 162 30.42 -7.43 -17.57
C ARG B 162 30.10 -6.00 -17.94
N VAL B 163 28.85 -5.60 -17.76
CA VAL B 163 28.33 -4.39 -18.46
C VAL B 163 28.23 -3.26 -17.47
N LEU B 164 29.04 -2.23 -17.67
CA LEU B 164 29.08 -1.08 -16.74
C LEU B 164 27.83 -0.26 -17.00
N ASP B 165 26.89 -0.40 -16.07
CA ASP B 165 25.53 0.19 -16.12
C ASP B 165 25.25 0.82 -14.76
N SER B 166 25.69 2.06 -14.61
CA SER B 166 25.66 2.88 -13.37
C SER B 166 24.35 2.67 -12.61
N PHE B 167 23.24 2.83 -13.29
CA PHE B 167 21.87 2.91 -12.71
C PHE B 167 21.26 1.51 -12.55
N GLY B 168 21.78 0.52 -13.25
CA GLY B 168 21.34 -0.87 -13.10
C GLY B 168 20.26 -1.24 -14.09
N THR B 169 20.06 -2.55 -14.31
CA THR B 169 19.02 -3.12 -15.20
C THR B 169 18.30 -4.20 -14.41
N GLU B 170 17.00 -4.01 -14.16
CA GLU B 170 16.15 -5.01 -13.45
C GLU B 170 15.73 -6.12 -14.43
N PRO B 171 15.59 -7.38 -13.97
CA PRO B 171 15.32 -8.51 -14.86
C PRO B 171 14.05 -8.38 -15.74
N GLU B 172 13.02 -7.69 -15.23
CA GLU B 172 11.80 -7.25 -15.96
C GLU B 172 12.13 -6.53 -17.28
N PHE B 173 13.25 -5.79 -17.30
CA PHE B 173 13.70 -4.92 -18.41
C PHE B 173 14.76 -5.64 -19.27
N ASN B 174 15.64 -6.40 -18.62
CA ASN B 174 16.68 -7.23 -19.27
C ASN B 174 16.04 -8.22 -20.24
N HIS B 175 14.90 -8.76 -19.85
CA HIS B 175 14.19 -9.86 -20.56
C HIS B 175 13.23 -9.28 -21.60
N ALA B 176 13.57 -9.41 -22.89
CA ALA B 176 12.92 -8.68 -24.01
C ALA B 176 11.44 -9.04 -24.11
N ASN B 177 11.13 -10.32 -24.36
CA ASN B 177 9.74 -10.84 -24.54
C ASN B 177 8.85 -10.28 -23.41
N TYR B 178 9.32 -10.32 -22.18
CA TYR B 178 8.53 -10.02 -20.96
C TYR B 178 8.28 -8.53 -20.85
N ALA B 179 9.31 -7.73 -21.15
CA ALA B 179 9.25 -6.25 -21.11
C ALA B 179 8.17 -5.83 -22.10
N GLN B 180 8.26 -6.35 -23.34
CA GLN B 180 7.26 -6.12 -24.40
C GLN B 180 5.88 -6.55 -23.86
N SER B 181 5.77 -7.74 -23.26
CA SER B 181 4.50 -8.30 -22.75
C SER B 181 3.94 -7.43 -21.62
N LYS B 182 4.79 -6.71 -20.88
CA LYS B 182 4.33 -5.82 -19.79
C LYS B 182 4.12 -4.41 -20.36
N GLY B 183 4.37 -4.22 -21.66
CA GLY B 183 4.09 -2.96 -22.39
C GLY B 183 5.07 -1.84 -22.09
N HIS B 184 6.25 -2.16 -21.54
CA HIS B 184 7.38 -1.21 -21.32
C HIS B 184 7.84 -0.69 -22.69
N LYS B 185 7.90 0.64 -22.87
CA LYS B 185 8.16 1.27 -24.20
C LYS B 185 9.61 1.76 -24.28
N THR B 186 10.37 1.75 -23.18
CA THR B 186 11.81 2.12 -23.16
C THR B 186 12.57 1.27 -24.16
N PRO B 187 13.44 1.86 -25.00
CA PRO B 187 14.34 1.09 -25.87
C PRO B 187 15.51 0.42 -25.10
N TRP B 188 15.62 0.70 -23.82
CA TRP B 188 16.77 0.24 -23.00
C TRP B 188 16.50 -1.17 -22.48
N GLY B 189 17.54 -1.88 -22.03
CA GLY B 189 17.49 -3.30 -21.65
C GLY B 189 17.33 -4.21 -22.87
N LYS B 190 16.67 -5.36 -22.68
CA LYS B 190 16.28 -6.32 -23.73
C LYS B 190 17.48 -7.14 -24.17
N TRP B 191 18.54 -7.21 -23.35
CA TRP B 191 19.80 -7.90 -23.71
C TRP B 191 19.76 -9.38 -23.30
N ASN B 192 18.80 -9.75 -22.47
CA ASN B 192 18.60 -11.17 -22.06
C ASN B 192 19.92 -11.74 -21.51
N LEU B 193 20.64 -10.98 -20.72
CA LEU B 193 21.84 -11.52 -20.03
C LEU B 193 21.40 -12.06 -18.67
N ASN B 194 22.29 -12.78 -18.01
CA ASN B 194 22.18 -12.95 -16.54
C ASN B 194 22.28 -11.55 -15.95
N PRO B 195 21.27 -11.04 -15.19
CA PRO B 195 21.32 -9.68 -14.65
C PRO B 195 22.50 -9.36 -13.71
N GLN B 196 23.24 -10.37 -13.26
CA GLN B 196 24.45 -10.17 -12.42
C GLN B 196 25.64 -9.76 -13.31
N GLN B 197 25.47 -9.83 -14.63
CA GLN B 197 26.47 -9.35 -15.61
C GLN B 197 26.43 -7.81 -15.69
N PHE B 198 25.40 -7.17 -15.15
CA PHE B 198 25.33 -5.69 -15.03
C PHE B 198 26.04 -5.25 -13.74
N TYR B 199 26.93 -4.27 -13.90
CA TYR B 199 27.86 -3.69 -12.87
C TYR B 199 27.48 -2.23 -12.61
N THR B 200 27.10 -1.96 -11.36
CA THR B 200 26.50 -0.68 -10.93
C THR B 200 27.53 0.16 -10.17
N MET B 201 27.23 1.45 -10.03
CA MET B 201 28.10 2.44 -9.36
C MET B 201 27.92 2.29 -7.85
N PHE B 202 26.70 2.08 -7.39
CA PHE B 202 26.38 1.86 -5.96
C PHE B 202 25.59 0.57 -5.85
N PRO B 203 25.63 -0.11 -4.68
CA PRO B 203 24.83 -1.32 -4.47
C PRO B 203 23.35 -1.04 -4.18
N HIS B 204 22.61 -0.59 -5.20
CA HIS B 204 21.16 -0.24 -5.11
C HIS B 204 20.26 -1.32 -5.74
N THR B 205 20.84 -2.24 -6.51
CA THR B 205 20.09 -3.22 -7.30
C THR B 205 20.75 -4.58 -7.13
N PRO B 206 20.32 -5.40 -6.15
CA PRO B 206 20.95 -6.70 -5.90
C PRO B 206 20.69 -7.76 -6.98
N ASP B 207 19.86 -7.45 -7.98
CA ASP B 207 19.75 -8.27 -9.22
C ASP B 207 21.03 -8.17 -10.04
N ASN B 208 21.77 -7.09 -9.86
CA ASN B 208 23.03 -6.76 -10.57
C ASN B 208 24.19 -6.84 -9.60
N SER B 209 25.42 -6.88 -10.11
CA SER B 209 26.65 -6.90 -9.29
C SER B 209 27.04 -5.45 -9.00
N PHE B 210 27.61 -5.19 -7.82
CA PHE B 210 28.12 -3.85 -7.45
C PHE B 210 29.63 -3.75 -7.76
N LEU B 211 30.01 -2.89 -8.70
CA LEU B 211 31.44 -2.65 -9.06
C LEU B 211 32.00 -1.48 -8.25
N GLY B 212 31.30 -0.34 -8.32
CA GLY B 212 31.63 0.90 -7.60
C GLY B 212 32.85 1.59 -8.17
N PHE B 213 33.55 2.31 -7.32
CA PHE B 213 34.72 3.15 -7.69
C PHE B 213 35.46 3.45 -6.39
N VAL B 214 36.57 4.16 -6.48
CA VAL B 214 37.37 4.59 -5.29
C VAL B 214 37.12 6.08 -5.08
N VAL B 215 36.80 6.47 -3.85
CA VAL B 215 36.81 7.90 -3.44
C VAL B 215 38.27 8.31 -3.16
N GLU B 216 38.88 9.05 -4.09
CA GLU B 216 40.29 9.53 -4.04
C GLU B 216 40.51 10.42 -2.80
N GLN B 217 41.64 10.28 -2.10
CA GLN B 217 42.08 11.27 -1.06
C GLN B 217 43.19 12.11 -1.71
N HIS B 218 43.00 13.42 -1.80
CA HIS B 218 44.05 14.36 -2.29
C HIS B 218 44.81 14.92 -1.09
N LEU B 219 44.89 14.18 0.01
CA LEU B 219 45.83 14.45 1.13
C LEU B 219 47.00 13.45 1.05
N ASN B 220 48.23 13.97 0.92
CA ASN B 220 49.50 13.20 0.94
C ASN B 220 49.81 12.83 2.40
N SER B 221 51.00 12.27 2.66
CA SER B 221 51.44 11.79 4.01
C SER B 221 51.55 12.97 5.00
N SER B 222 52.28 14.04 4.60
CA SER B 222 52.56 15.24 5.44
C SER B 222 51.24 15.91 5.88
N ASP B 223 50.20 15.88 5.04
CA ASP B 223 48.87 16.47 5.36
C ASP B 223 48.16 15.55 6.37
N ILE B 224 48.28 14.23 6.17
CA ILE B 224 47.62 13.21 7.05
C ILE B 224 48.11 13.43 8.49
N HIS B 225 49.43 13.37 8.73
CA HIS B 225 49.99 13.66 10.08
C HIS B 225 49.50 15.05 10.50
N HIS B 226 49.60 16.04 9.60
CA HIS B 226 49.23 17.47 9.83
C HIS B 226 47.72 17.63 10.03
N ILE B 227 46.88 16.76 9.42
CA ILE B 227 45.39 16.92 9.28
C ILE B 227 44.81 17.50 10.58
N ASN B 228 45.27 17.06 11.76
CA ASN B 228 44.71 17.49 13.07
C ASN B 228 45.01 18.98 13.33
N GLU B 229 45.94 19.63 12.59
CA GLU B 229 46.17 21.10 12.63
C GLU B 229 44.89 21.85 12.21
N ILE B 230 44.05 21.27 11.34
CA ILE B 230 42.74 21.89 10.94
C ILE B 230 41.76 21.63 12.09
N LYS B 231 41.25 22.68 12.74
CA LYS B 231 40.26 22.56 13.85
C LYS B 231 38.84 22.73 13.27
N ARG B 232 37.96 21.74 13.51
CA ARG B 232 36.60 21.66 12.91
C ARG B 232 35.71 22.73 13.56
N GLN B 233 34.93 23.44 12.75
CA GLN B 233 34.13 24.61 13.20
C GLN B 233 32.65 24.24 13.16
N ASN B 234 31.83 24.87 13.99
CA ASN B 234 30.35 24.79 13.93
C ASN B 234 29.93 25.55 12.68
N GLN B 235 30.23 24.97 11.51
CA GLN B 235 29.90 25.52 10.17
C GLN B 235 29.42 24.40 9.26
N SER B 236 28.53 24.74 8.34
CA SER B 236 27.95 23.82 7.36
C SER B 236 28.56 24.09 5.99
N LEU B 237 28.62 23.08 5.12
CA LEU B 237 28.91 23.24 3.69
C LEU B 237 27.77 22.62 2.90
N VAL B 238 27.18 23.38 1.97
CA VAL B 238 26.09 22.87 1.10
C VAL B 238 26.69 21.96 0.01
N TYR B 239 26.04 20.85 -0.29
CA TYR B 239 26.26 20.00 -1.48
C TYR B 239 25.50 20.57 -2.69
N GLY B 240 26.20 21.17 -3.65
CA GLY B 240 25.63 21.60 -4.94
C GLY B 240 26.44 22.71 -5.59
N LYS B 241 27.04 22.45 -6.75
CA LYS B 241 27.97 23.39 -7.41
C LYS B 241 27.17 24.38 -8.24
N VAL B 242 25.86 24.18 -8.39
CA VAL B 242 25.02 24.89 -9.38
C VAL B 242 23.89 25.63 -8.64
N ASP B 243 23.63 26.88 -9.04
CA ASP B 243 22.59 27.76 -8.47
C ASP B 243 21.21 27.10 -8.61
N SER B 244 20.91 26.50 -9.76
CA SER B 244 19.63 25.81 -10.06
C SER B 244 19.27 24.83 -8.94
N PHE B 245 20.24 24.04 -8.44
CA PHE B 245 20.02 22.98 -7.42
C PHE B 245 19.54 23.58 -6.11
N TRP B 246 19.88 24.84 -5.86
CA TRP B 246 19.50 25.61 -4.64
C TRP B 246 18.08 26.17 -4.77
N LYS B 247 17.44 26.11 -5.94
CA LYS B 247 16.16 26.78 -6.20
C LYS B 247 15.17 26.42 -5.07
N ASN B 248 14.44 27.40 -4.56
CA ASN B 248 13.43 27.24 -3.48
C ASN B 248 13.96 26.33 -2.37
N LYS B 249 15.06 26.67 -1.69
CA LYS B 249 15.54 25.93 -0.47
C LYS B 249 15.77 26.87 0.73
N LYS B 250 15.29 28.13 0.65
CA LYS B 250 15.64 29.17 1.64
C LYS B 250 15.29 28.67 3.05
N ILE B 251 14.11 28.10 3.22
CA ILE B 251 13.58 27.83 4.59
C ILE B 251 14.46 26.74 5.22
N TYR B 252 14.90 25.73 4.44
CA TYR B 252 15.75 24.61 4.89
C TYR B 252 17.10 25.14 5.40
N LEU B 253 17.72 26.01 4.64
CA LEU B 253 19.04 26.62 4.95
C LEU B 253 18.91 27.58 6.14
N ASP B 254 17.83 28.34 6.19
CA ASP B 254 17.52 29.30 7.28
C ASP B 254 17.58 28.57 8.63
N ILE B 255 17.14 27.31 8.66
CA ILE B 255 17.18 26.47 9.89
C ILE B 255 18.65 26.17 10.21
N ILE B 256 19.39 25.65 9.21
CA ILE B 256 20.86 25.38 9.33
C ILE B 256 21.52 26.67 9.84
N HIS B 257 21.28 27.79 9.14
CA HIS B 257 21.90 29.11 9.41
C HIS B 257 21.66 29.54 10.85
N THR B 258 20.44 29.35 11.34
CA THR B 258 20.06 29.64 12.74
C THR B 258 21.19 29.17 13.65
N TYR B 259 21.82 28.02 13.37
CA TYR B 259 22.74 27.34 14.31
C TYR B 259 24.18 27.30 13.80
N MET B 260 24.47 27.48 12.51
CA MET B 260 25.89 27.49 12.05
C MET B 260 26.05 28.31 10.78
N GLU B 261 27.28 28.71 10.47
CA GLU B 261 27.61 29.41 9.21
C GLU B 261 27.30 28.47 8.04
N VAL B 262 26.99 29.03 6.87
CA VAL B 262 26.62 28.25 5.67
C VAL B 262 27.58 28.58 4.53
N HIS B 263 28.48 27.64 4.24
CA HIS B 263 29.49 27.74 3.16
C HIS B 263 28.97 27.03 1.92
N ALA B 264 29.39 27.49 0.76
CA ALA B 264 29.12 26.89 -0.56
C ALA B 264 30.43 26.71 -1.30
N THR B 265 30.41 25.83 -2.30
CA THR B 265 31.38 25.80 -3.41
C THR B 265 30.58 25.84 -4.69
N VAL B 266 30.07 27.02 -5.03
CA VAL B 266 29.19 27.24 -6.21
C VAL B 266 29.97 27.98 -7.30
N TYR B 267 29.85 27.55 -8.54
CA TYR B 267 30.35 28.27 -9.73
C TYR B 267 29.45 29.47 -10.00
N GLY B 268 29.90 30.67 -9.70
CA GLY B 268 29.03 31.83 -9.45
C GLY B 268 28.55 32.48 -10.74
N SER B 269 28.34 31.70 -11.79
CA SER B 269 27.71 32.13 -13.04
C SER B 269 26.37 32.80 -12.73
N SER B 270 25.51 32.10 -11.97
CA SER B 270 24.28 32.68 -11.37
C SER B 270 24.32 32.50 -9.86
N THR B 271 23.76 33.44 -9.12
CA THR B 271 23.65 33.33 -7.65
C THR B 271 22.23 33.72 -7.24
N LYS B 272 21.27 33.74 -8.18
CA LYS B 272 19.84 34.14 -7.95
C LYS B 272 19.32 33.42 -6.71
N ASN B 273 19.59 32.11 -6.62
CA ASN B 273 19.03 31.19 -5.61
C ASN B 273 19.96 31.04 -4.40
N ILE B 274 21.05 31.78 -4.28
CA ILE B 274 21.96 31.62 -3.11
C ILE B 274 21.62 32.69 -2.09
N PRO B 275 21.17 32.32 -0.88
CA PRO B 275 21.00 33.29 0.21
C PRO B 275 22.25 34.18 0.37
N SER B 276 22.02 35.45 0.68
CA SER B 276 23.10 36.46 0.77
C SER B 276 24.02 36.08 1.93
N TYR B 277 23.57 35.28 2.92
CA TYR B 277 24.42 34.98 4.11
C TYR B 277 25.40 33.83 3.80
N VAL B 278 25.31 33.22 2.62
CA VAL B 278 26.17 32.08 2.24
C VAL B 278 27.59 32.57 2.02
N LYS B 279 28.57 31.92 2.65
CA LYS B 279 30.02 32.15 2.43
C LYS B 279 30.54 31.27 1.28
N ASN B 280 30.50 31.78 0.04
CA ASN B 280 30.88 31.01 -1.16
C ASN B 280 32.41 30.95 -1.29
N HIS B 281 32.96 29.75 -1.45
CA HIS B 281 34.39 29.48 -1.73
C HIS B 281 34.62 29.35 -3.23
N GLY B 282 33.54 29.23 -4.00
CA GLY B 282 33.59 28.78 -5.40
C GLY B 282 34.13 27.37 -5.49
N ILE B 283 34.23 26.86 -6.71
CA ILE B 283 34.81 25.53 -7.05
C ILE B 283 36.22 25.43 -6.49
N LEU B 284 36.53 24.34 -5.78
CA LEU B 284 37.88 24.09 -5.21
C LEU B 284 38.52 22.85 -5.87
N SER B 285 39.84 22.84 -5.96
CA SER B 285 40.66 21.62 -6.13
C SER B 285 40.22 20.57 -5.11
N GLY B 286 40.47 19.31 -5.41
CA GLY B 286 40.14 18.18 -4.52
C GLY B 286 40.87 18.33 -3.21
N ARG B 287 42.12 18.74 -3.26
CA ARG B 287 42.94 18.91 -2.03
C ARG B 287 42.26 19.94 -1.12
N ASP B 288 42.04 21.14 -1.65
CA ASP B 288 41.45 22.31 -0.95
C ASP B 288 40.05 21.95 -0.44
N LEU B 289 39.22 21.32 -1.27
CA LEU B 289 37.89 20.85 -0.82
C LEU B 289 38.01 19.96 0.42
N GLN B 290 38.96 19.02 0.43
CA GLN B 290 39.09 18.06 1.54
C GLN B 290 39.51 18.81 2.80
N PHE B 291 40.40 19.80 2.70
CA PHE B 291 40.77 20.65 3.85
C PHE B 291 39.53 21.41 4.33
N LEU B 292 38.71 21.87 3.41
CA LEU B 292 37.47 22.61 3.78
C LEU B 292 36.53 21.66 4.52
N LEU B 293 36.44 20.41 4.05
CA LEU B 293 35.57 19.40 4.69
C LEU B 293 36.07 19.11 6.09
N ARG B 294 37.36 19.27 6.34
CA ARG B 294 37.98 18.96 7.66
C ARG B 294 37.66 20.06 8.68
N GLU B 295 37.33 21.27 8.22
CA GLU B 295 36.94 22.38 9.14
C GLU B 295 35.42 22.57 9.07
N THR B 296 34.69 21.57 8.59
CA THR B 296 33.21 21.62 8.40
C THR B 296 32.58 20.56 9.30
N LYS B 297 31.49 20.90 9.99
CA LYS B 297 30.77 19.97 10.91
C LYS B 297 29.77 19.18 10.09
N LEU B 298 29.07 19.86 9.19
CA LEU B 298 27.88 19.33 8.48
C LEU B 298 27.98 19.62 6.99
N PHE B 299 27.81 18.59 6.16
CA PHE B 299 27.64 18.66 4.69
C PHE B 299 26.14 18.59 4.39
N VAL B 300 25.58 19.54 3.68
CA VAL B 300 24.10 19.68 3.58
C VAL B 300 23.62 19.23 2.19
N GLY B 301 22.87 18.11 2.12
CA GLY B 301 22.14 17.73 0.90
C GLY B 301 20.98 18.68 0.61
N LEU B 302 20.79 19.04 -0.67
CA LEU B 302 19.64 19.85 -1.15
C LEU B 302 18.59 18.94 -1.79
N GLY B 303 18.92 17.65 -2.01
CA GLY B 303 18.05 16.60 -2.59
C GLY B 303 18.47 16.20 -3.99
N PHE B 304 19.32 16.98 -4.62
CA PHE B 304 19.99 16.66 -5.90
C PHE B 304 21.41 17.21 -5.79
N PRO B 305 22.45 16.57 -6.39
CA PRO B 305 22.30 15.34 -7.18
C PRO B 305 22.12 14.01 -6.41
N TYR B 306 21.64 12.99 -7.15
CA TYR B 306 21.25 11.67 -6.60
C TYR B 306 22.48 10.76 -6.45
N GLU B 307 22.68 10.18 -5.29
CA GLU B 307 23.69 9.10 -5.06
C GLU B 307 24.97 9.37 -5.84
N GLY B 308 25.70 10.43 -5.51
CA GLY B 308 27.04 10.72 -6.02
C GLY B 308 28.11 10.50 -4.95
N PRO B 309 29.40 10.69 -5.30
CA PRO B 309 30.48 10.46 -4.36
C PRO B 309 30.66 11.50 -3.24
N ALA B 310 30.23 12.74 -3.46
CA ALA B 310 30.64 13.88 -2.62
C ALA B 310 30.33 13.59 -1.16
N PRO B 311 29.15 13.04 -0.85
CA PRO B 311 28.80 12.75 0.53
C PRO B 311 29.74 11.74 1.20
N LEU B 312 30.28 10.82 0.41
CA LEU B 312 31.23 9.82 0.98
C LEU B 312 32.51 10.55 1.36
N GLU B 313 32.90 11.50 0.51
CA GLU B 313 34.10 12.34 0.64
C GLU B 313 33.97 13.14 1.95
N ALA B 314 32.77 13.63 2.23
CA ALA B 314 32.47 14.45 3.43
C ALA B 314 32.61 13.58 4.67
N ILE B 315 31.93 12.43 4.67
CA ILE B 315 31.85 11.49 5.82
C ILE B 315 33.27 11.00 6.14
N ALA B 316 34.06 10.73 5.11
CA ALA B 316 35.47 10.27 5.20
C ALA B 316 36.34 11.32 5.93
N ASN B 317 36.05 12.61 5.75
CA ASN B 317 36.82 13.72 6.35
C ASN B 317 36.17 14.14 7.67
N GLY B 318 35.18 13.39 8.17
CA GLY B 318 34.60 13.52 9.51
C GLY B 318 33.41 14.47 9.55
N CYS B 319 32.88 14.90 8.41
CA CYS B 319 31.59 15.63 8.36
C CYS B 319 30.43 14.66 8.58
N ALA B 320 29.32 15.19 9.08
CA ALA B 320 28.00 14.55 9.03
C ALA B 320 27.34 14.98 7.73
N PHE B 321 26.47 14.14 7.19
CA PHE B 321 25.73 14.39 5.94
C PHE B 321 24.24 14.46 6.29
N LEU B 322 23.63 15.61 5.99
CA LEU B 322 22.17 15.80 6.11
C LEU B 322 21.60 15.34 4.77
N ASN B 323 20.81 14.25 4.79
CA ASN B 323 20.33 13.45 3.62
C ASN B 323 18.82 13.65 3.46
N PRO B 324 18.37 14.55 2.56
CA PRO B 324 16.96 14.73 2.27
C PRO B 324 16.25 13.40 1.98
N LYS B 325 15.13 13.18 2.68
CA LYS B 325 14.27 11.95 2.60
C LYS B 325 13.21 12.17 1.51
N PHE B 326 12.94 11.14 0.69
CA PHE B 326 11.93 11.21 -0.40
C PHE B 326 10.67 10.41 -0.02
N ASN B 327 9.54 11.12 0.06
CA ASN B 327 8.17 10.61 0.37
C ASN B 327 7.19 11.30 -0.56
N PRO B 328 6.85 10.76 -1.76
CA PRO B 328 7.16 9.38 -2.11
C PRO B 328 8.61 9.25 -2.59
N PRO B 329 9.19 8.03 -2.49
CA PRO B 329 10.45 7.73 -3.15
C PRO B 329 10.41 8.06 -4.64
N LYS B 330 11.53 8.53 -5.19
CA LYS B 330 11.65 8.90 -6.62
C LYS B 330 12.07 7.67 -7.41
N SER B 331 11.54 7.48 -8.61
CA SER B 331 11.82 6.32 -9.48
C SER B 331 11.62 6.72 -10.94
N SER B 332 11.96 5.81 -11.86
CA SER B 332 11.73 5.98 -13.32
C SER B 332 10.26 6.33 -13.53
N LYS B 333 9.41 6.14 -12.51
CA LYS B 333 7.94 6.30 -12.61
C LYS B 333 7.56 7.78 -12.48
N ASN B 334 8.16 8.51 -11.54
CA ASN B 334 7.59 9.79 -11.02
C ASN B 334 8.59 10.93 -11.12
N THR B 335 9.72 10.74 -11.82
CA THR B 335 10.90 11.65 -11.82
C THR B 335 11.52 11.69 -13.23
N ASP B 336 11.53 12.86 -13.88
CA ASP B 336 11.91 13.01 -15.31
C ASP B 336 13.33 12.47 -15.52
N PHE B 337 14.18 12.56 -14.49
CA PHE B 337 15.63 12.21 -14.52
C PHE B 337 15.83 10.72 -14.81
N PHE B 338 14.85 9.91 -14.41
CA PHE B 338 14.91 8.42 -14.42
C PHE B 338 14.01 7.85 -15.51
N ILE B 339 13.16 8.66 -16.15
CA ILE B 339 12.23 8.14 -17.18
C ILE B 339 13.11 7.45 -18.21
N GLY B 340 12.68 6.28 -18.69
CA GLY B 340 13.35 5.51 -19.75
C GLY B 340 14.30 4.44 -19.22
N LYS B 341 14.79 4.63 -17.99
CA LYS B 341 15.78 3.71 -17.37
C LYS B 341 15.16 2.31 -17.35
N PRO B 342 15.92 1.24 -17.69
CA PRO B 342 15.43 -0.12 -17.61
C PRO B 342 15.46 -0.66 -16.18
N THR B 343 14.81 0.06 -15.27
CA THR B 343 14.65 -0.30 -13.83
C THR B 343 13.58 0.59 -13.22
N LEU B 344 12.83 0.07 -12.25
CA LEU B 344 11.80 0.80 -11.46
C LEU B 344 12.35 0.95 -10.04
N ARG B 345 13.66 0.90 -9.87
CA ARG B 345 14.30 1.19 -8.56
C ARG B 345 13.85 2.58 -8.08
N GLU B 346 13.57 2.67 -6.78
CA GLU B 346 13.12 3.87 -6.06
C GLU B 346 14.27 4.37 -5.18
N LEU B 347 14.40 5.69 -5.09
CA LEU B 347 15.34 6.34 -4.15
C LEU B 347 14.51 6.88 -2.99
N THR B 348 14.81 6.42 -1.77
CA THR B 348 14.11 6.79 -0.51
C THR B 348 14.71 8.09 0.04
N SER B 349 15.83 8.54 -0.52
CA SER B 349 16.59 9.73 -0.08
C SER B 349 17.60 10.09 -1.16
N GLN B 350 18.17 11.29 -1.09
CA GLN B 350 19.19 11.79 -2.06
C GLN B 350 20.35 10.79 -2.14
N HIS B 351 20.69 10.12 -1.02
CA HIS B 351 21.80 9.16 -0.99
C HIS B 351 21.40 7.93 -0.20
N PRO B 352 20.66 7.03 -0.88
CA PRO B 352 20.17 5.78 -0.28
C PRO B 352 21.28 4.89 0.28
N TYR B 353 22.45 4.83 -0.37
CA TYR B 353 23.59 4.04 0.16
C TYR B 353 23.99 4.61 1.51
N ALA B 354 24.11 5.93 1.60
CA ALA B 354 24.45 6.62 2.85
C ALA B 354 23.37 6.36 3.90
N GLU B 355 22.11 6.44 3.47
CA GLU B 355 20.93 6.18 4.32
C GLU B 355 20.96 4.75 4.86
N VAL B 356 21.09 3.73 3.99
CA VAL B 356 20.86 2.30 4.34
C VAL B 356 22.14 1.72 4.95
N PHE B 357 23.31 2.01 4.40
CA PHE B 357 24.57 1.29 4.70
C PHE B 357 25.53 2.09 5.60
N ILE B 358 25.25 3.35 5.90
CA ILE B 358 26.05 4.10 6.91
C ILE B 358 25.14 4.47 8.08
N GLY B 359 24.13 5.30 7.85
CA GLY B 359 23.19 5.76 8.89
C GLY B 359 23.86 6.53 10.03
N ARG B 360 23.12 6.80 11.11
CA ARG B 360 23.57 7.61 12.28
C ARG B 360 24.77 6.89 12.91
N PRO B 361 25.75 7.65 13.47
CA PRO B 361 25.68 9.11 13.58
C PRO B 361 26.11 9.91 12.33
N HIS B 362 26.82 9.29 11.40
CA HIS B 362 27.42 10.02 10.26
C HIS B 362 26.32 10.63 9.38
N VAL B 363 25.22 9.93 9.15
CA VAL B 363 24.19 10.31 8.13
C VAL B 363 22.84 10.49 8.81
N TRP B 364 22.22 11.64 8.58
CA TRP B 364 20.94 12.03 9.19
C TRP B 364 19.91 12.23 8.06
N THR B 365 19.08 11.22 7.82
CA THR B 365 18.08 11.26 6.73
C THR B 365 16.82 11.93 7.26
N VAL B 366 16.37 13.02 6.64
CA VAL B 366 15.30 13.88 7.24
C VAL B 366 14.45 14.49 6.12
N ASP B 367 13.17 14.70 6.40
CA ASP B 367 12.25 15.50 5.54
C ASP B 367 12.57 16.98 5.77
N LEU B 368 13.11 17.63 4.74
CA LEU B 368 13.51 19.06 4.85
C LEU B 368 12.26 19.96 4.93
N ASN B 369 11.08 19.47 4.56
CA ASN B 369 9.81 20.23 4.75
C ASN B 369 9.42 20.18 6.23
N ASN B 370 9.93 19.17 6.94
CA ASN B 370 9.70 19.01 8.40
C ASN B 370 10.76 19.84 9.15
N GLN B 371 10.39 21.10 9.41
CA GLN B 371 11.16 22.09 10.20
C GLN B 371 11.66 21.49 11.52
N GLU B 372 10.75 20.85 12.27
CA GLU B 372 11.05 20.21 13.59
C GLU B 372 12.17 19.16 13.42
N GLU B 373 12.01 18.25 12.45
CA GLU B 373 12.93 17.10 12.26
C GLU B 373 14.32 17.63 11.93
N VAL B 374 14.37 18.65 11.08
CA VAL B 374 15.64 19.29 10.63
C VAL B 374 16.36 19.88 11.85
N GLU B 375 15.65 20.72 12.61
CA GLU B 375 16.22 21.38 13.82
C GLU B 375 16.78 20.29 14.74
N ASP B 376 16.06 19.19 14.91
CA ASP B 376 16.46 18.11 15.85
C ASP B 376 17.78 17.52 15.38
N ALA B 377 17.80 17.11 14.11
CA ALA B 377 18.99 16.53 13.43
C ALA B 377 20.15 17.50 13.59
N VAL B 378 19.90 18.76 13.29
CA VAL B 378 20.96 19.80 13.29
C VAL B 378 21.49 19.96 14.73
N LYS B 379 20.58 20.06 15.73
CA LYS B 379 20.94 20.21 17.16
C LYS B 379 21.75 18.98 17.59
N ALA B 380 21.28 17.80 17.22
CA ALA B 380 21.94 16.51 17.53
C ALA B 380 23.35 16.48 16.94
N ILE B 381 23.47 16.79 15.64
CA ILE B 381 24.79 16.77 14.91
C ILE B 381 25.78 17.72 15.62
N LEU B 382 25.33 18.94 15.96
CA LEU B 382 26.21 20.03 16.50
C LEU B 382 26.76 19.62 17.88
N ASN B 383 26.12 18.65 18.55
CA ASN B 383 26.47 18.18 19.91
C ASN B 383 27.21 16.83 19.87
N GLN B 384 27.11 16.06 18.79
CA GLN B 384 27.83 14.76 18.71
C GLN B 384 29.23 15.02 18.13
N LYS B 385 30.25 14.41 18.74
CA LYS B 385 31.59 14.18 18.14
C LYS B 385 31.46 12.89 17.32
N ILE B 386 31.92 12.90 16.06
CA ILE B 386 31.75 11.79 15.07
C ILE B 386 33.08 11.60 14.35
N GLU B 387 33.61 10.38 14.29
CA GLU B 387 34.95 10.12 13.70
C GLU B 387 34.81 10.03 12.18
N PRO B 388 35.85 10.38 11.38
CA PRO B 388 35.86 10.06 9.95
C PRO B 388 35.54 8.59 9.64
N TYR B 389 34.96 8.33 8.47
CA TYR B 389 34.59 6.96 8.02
C TYR B 389 34.55 6.92 6.50
N MET B 390 35.43 6.09 5.93
CA MET B 390 35.35 5.61 4.54
C MET B 390 34.96 4.14 4.58
N PRO B 391 33.88 3.73 3.91
CA PRO B 391 33.51 2.31 3.82
C PRO B 391 34.62 1.58 3.06
N TYR B 392 34.93 0.33 3.45
CA TYR B 392 36.12 -0.39 2.92
C TYR B 392 35.96 -0.51 1.40
N GLU B 393 34.72 -0.73 0.94
CA GLU B 393 34.41 -1.03 -0.48
C GLU B 393 34.77 0.14 -1.40
N PHE B 394 34.90 1.37 -0.90
CA PHE B 394 35.19 2.58 -1.72
C PHE B 394 36.66 3.03 -1.62
N THR B 395 37.52 2.18 -1.07
CA THR B 395 39.01 2.37 -1.04
C THR B 395 39.62 1.55 -2.15
N CYS B 396 40.88 1.86 -2.52
CA CYS B 396 41.69 1.08 -3.49
C CYS B 396 41.71 -0.41 -3.07
N GLU B 397 41.88 -0.72 -1.79
CA GLU B 397 42.05 -2.11 -1.32
C GLU B 397 40.72 -2.87 -1.40
N GLY B 398 39.64 -2.29 -0.88
CA GLY B 398 38.29 -2.91 -0.92
C GLY B 398 37.88 -3.21 -2.36
N MET B 399 38.06 -2.24 -3.26
CA MET B 399 37.73 -2.41 -4.69
C MET B 399 38.51 -3.60 -5.24
N LEU B 400 39.81 -3.67 -4.95
CA LEU B 400 40.69 -4.76 -5.46
C LEU B 400 40.16 -6.10 -4.93
N GLN B 401 39.78 -6.19 -3.66
CA GLN B 401 39.24 -7.45 -3.11
C GLN B 401 38.01 -7.81 -3.94
N ARG B 402 37.12 -6.83 -4.10
CA ARG B 402 35.80 -6.97 -4.76
C ARG B 402 35.98 -7.40 -6.22
N ILE B 403 36.77 -6.69 -7.01
CA ILE B 403 37.05 -7.10 -8.42
C ILE B 403 37.71 -8.50 -8.42
N ASN B 404 38.71 -8.75 -7.58
CA ASN B 404 39.45 -10.03 -7.61
C ASN B 404 38.45 -11.16 -7.44
N ALA B 405 37.53 -11.01 -6.50
CA ALA B 405 36.48 -12.00 -6.17
C ALA B 405 35.59 -12.26 -7.40
N PHE B 406 35.15 -11.22 -8.10
CA PHE B 406 34.27 -11.36 -9.30
C PHE B 406 35.01 -12.09 -10.41
N ILE B 407 36.29 -11.78 -10.59
CA ILE B 407 37.13 -12.37 -11.68
C ILE B 407 37.39 -13.85 -11.37
N GLU B 408 37.56 -14.19 -10.11
CA GLU B 408 37.98 -15.54 -9.68
C GLU B 408 36.77 -16.43 -9.36
N LYS B 409 35.60 -15.89 -9.06
CA LYS B 409 34.50 -16.72 -8.53
C LYS B 409 33.19 -16.55 -9.32
N GLN B 410 33.10 -15.62 -10.25
CA GLN B 410 31.83 -15.28 -10.93
C GLN B 410 31.96 -15.71 -12.39
N ASP B 411 31.47 -16.92 -12.70
CA ASP B 411 31.49 -17.52 -14.06
C ASP B 411 30.05 -17.83 -14.50
N PHE B 412 29.64 -17.32 -15.66
CA PHE B 412 28.34 -17.63 -16.30
C PHE B 412 28.52 -18.52 -17.53
N CYS B 413 29.74 -18.96 -17.83
CA CYS B 413 30.11 -19.68 -19.08
C CYS B 413 29.94 -21.19 -18.91
N HIS B 414 29.53 -21.67 -17.73
CA HIS B 414 29.37 -23.11 -17.39
C HIS B 414 27.95 -23.37 -16.84
N GLY B 415 26.99 -22.53 -17.24
CA GLY B 415 25.57 -22.67 -16.90
C GLY B 415 25.24 -22.11 -15.53
N GLN B 416 24.38 -22.81 -14.78
CA GLN B 416 23.90 -22.42 -13.43
C GLN B 416 25.11 -22.22 -12.50
N VAL B 417 25.00 -21.18 -11.67
CA VAL B 417 26.08 -20.63 -10.80
C VAL B 417 26.17 -21.44 -9.49
N MET B 418 27.32 -21.44 -8.81
CA MET B 418 27.55 -22.12 -7.50
C MET B 418 28.16 -21.15 -6.50
N TRP B 419 28.45 -19.91 -6.91
CA TRP B 419 29.06 -18.83 -6.08
C TRP B 419 28.15 -17.62 -6.15
N PRO B 420 27.66 -17.07 -5.03
CA PRO B 420 28.07 -17.51 -3.69
C PRO B 420 27.58 -18.88 -3.25
N PRO B 421 28.21 -19.48 -2.23
CA PRO B 421 27.86 -20.82 -1.76
C PRO B 421 26.47 -20.92 -1.10
N LEU B 422 25.73 -22.00 -1.40
CA LEU B 422 24.34 -22.22 -0.88
C LEU B 422 24.33 -22.21 0.66
N SER B 423 25.46 -22.51 1.31
CA SER B 423 25.60 -22.40 2.79
C SER B 423 25.21 -20.98 3.26
N ALA B 424 25.28 -19.96 2.40
CA ALA B 424 24.98 -18.55 2.77
C ALA B 424 23.48 -18.25 2.73
N LEU B 425 22.69 -19.10 2.06
CA LEU B 425 21.25 -18.80 1.84
C LEU B 425 20.56 -18.72 3.20
N GLN B 426 19.73 -17.70 3.37
CA GLN B 426 18.76 -17.58 4.48
C GLN B 426 17.46 -17.08 3.87
N VAL B 427 16.45 -17.93 3.82
CA VAL B 427 15.15 -17.61 3.16
C VAL B 427 14.40 -16.64 4.06
N LYS B 428 13.75 -15.65 3.45
CA LYS B 428 12.78 -14.77 4.14
C LYS B 428 11.51 -14.80 3.30
N LEU B 429 10.37 -14.57 3.95
CA LEU B 429 9.04 -14.44 3.29
C LEU B 429 8.67 -12.96 3.31
N ALA B 430 8.85 -12.26 2.21
CA ALA B 430 8.27 -10.92 1.99
C ALA B 430 6.75 -10.99 2.23
N GLU B 431 6.19 -10.00 2.93
CA GLU B 431 4.72 -9.80 3.07
C GLU B 431 4.17 -9.20 1.78
N PRO B 432 2.86 -9.28 1.53
CA PRO B 432 2.30 -8.65 0.34
C PRO B 432 2.71 -7.18 0.34
N GLY B 433 3.05 -6.64 -0.82
CA GLY B 433 3.50 -5.24 -1.00
C GLY B 433 4.98 -5.06 -0.78
N GLN B 434 5.72 -6.11 -0.39
CA GLN B 434 7.16 -6.02 -0.07
C GLN B 434 8.02 -6.81 -1.06
N SER B 435 9.06 -6.20 -1.65
CA SER B 435 9.99 -6.89 -2.59
C SER B 435 10.93 -7.80 -1.80
N CYS B 436 11.56 -8.75 -2.49
CA CYS B 436 12.64 -9.56 -1.90
C CYS B 436 13.82 -8.65 -1.55
N LYS B 437 14.06 -7.65 -2.39
CA LYS B 437 15.11 -6.63 -2.14
C LYS B 437 14.90 -6.08 -0.71
N GLN B 438 13.70 -5.57 -0.40
CA GLN B 438 13.32 -4.94 0.90
C GLN B 438 13.46 -5.98 2.02
N VAL B 439 12.80 -7.13 1.89
CA VAL B 439 12.69 -8.03 3.07
C VAL B 439 14.11 -8.45 3.52
N CYS B 440 15.05 -8.64 2.60
CA CYS B 440 16.42 -9.03 2.97
C CYS B 440 17.10 -7.83 3.66
N GLN B 441 17.05 -6.67 2.99
CA GLN B 441 17.65 -5.38 3.43
C GLN B 441 17.10 -5.01 4.81
N GLU B 442 15.77 -4.98 4.97
CA GLU B 442 15.14 -4.60 6.25
C GLU B 442 15.61 -5.55 7.35
N SER B 443 16.10 -6.75 7.03
CA SER B 443 16.64 -7.71 8.02
C SER B 443 18.16 -7.71 7.95
N GLN B 444 18.76 -6.63 7.43
CA GLN B 444 20.23 -6.40 7.41
C GLN B 444 20.91 -7.56 6.68
N LEU B 445 20.32 -7.99 5.57
CA LEU B 445 20.89 -8.97 4.62
C LEU B 445 20.71 -8.40 3.23
N ILE B 446 21.24 -9.10 2.22
CA ILE B 446 21.08 -8.68 0.81
C ILE B 446 20.45 -9.83 0.03
N CYS B 447 19.48 -9.53 -0.83
CA CYS B 447 18.87 -10.50 -1.76
C CYS B 447 20.00 -11.01 -2.66
N GLU B 448 20.08 -12.32 -2.82
CA GLU B 448 21.10 -12.99 -3.66
C GLU B 448 20.36 -13.71 -4.77
N PRO B 449 20.35 -13.15 -6.00
CA PRO B 449 19.59 -13.74 -7.10
C PRO B 449 20.02 -15.14 -7.52
N SER B 450 21.27 -15.53 -7.31
CA SER B 450 21.80 -16.84 -7.78
C SER B 450 21.26 -18.00 -6.93
N PHE B 451 20.62 -17.72 -5.80
CA PHE B 451 19.94 -18.73 -4.94
C PHE B 451 18.48 -18.98 -5.37
N PHE B 452 17.93 -18.19 -6.29
CA PHE B 452 16.48 -18.25 -6.70
C PHE B 452 16.17 -19.63 -7.30
N GLN B 453 17.14 -20.23 -8.02
CA GLN B 453 16.98 -21.51 -8.77
C GLN B 453 16.81 -22.66 -7.76
N HIS B 454 17.22 -22.47 -6.51
CA HIS B 454 17.12 -23.51 -5.45
C HIS B 454 15.83 -23.34 -4.64
N LEU B 455 15.02 -22.33 -4.93
CA LEU B 455 13.67 -22.15 -4.33
C LEU B 455 12.61 -22.62 -5.32
N ASN B 456 12.56 -23.92 -5.60
CA ASN B 456 11.70 -24.51 -6.66
C ASN B 456 10.64 -25.44 -6.07
N LYS B 457 10.66 -25.69 -4.75
CA LYS B 457 9.78 -26.69 -4.09
C LYS B 457 9.55 -26.31 -2.62
N ASP B 458 8.40 -26.70 -2.04
CA ASP B 458 7.96 -26.21 -0.70
C ASP B 458 8.81 -26.84 0.43
N LYS B 459 9.53 -27.95 0.14
CA LYS B 459 10.52 -28.60 1.04
C LYS B 459 11.36 -27.53 1.77
N VAL B 466 5.48 -22.30 5.17
CA VAL B 466 4.93 -22.45 3.79
C VAL B 466 4.80 -23.94 3.43
N THR B 467 3.56 -24.46 3.37
CA THR B 467 3.20 -25.78 2.79
C THR B 467 2.07 -25.59 1.77
N CYS B 468 2.29 -26.08 0.55
CA CYS B 468 1.35 -25.97 -0.59
C CYS B 468 0.33 -27.08 -0.49
N GLN B 469 -0.92 -26.76 -0.77
CA GLN B 469 -1.97 -27.76 -1.06
C GLN B 469 -2.11 -27.88 -2.58
N SER B 470 -1.54 -26.94 -3.34
CA SER B 470 -1.46 -26.97 -4.82
C SER B 470 -0.30 -26.10 -5.29
N SER B 471 0.27 -26.44 -6.45
CA SER B 471 1.29 -25.54 -7.06
C SER B 471 1.02 -25.34 -8.55
N GLU B 472 1.47 -24.22 -9.08
CA GLU B 472 1.52 -23.99 -10.53
C GLU B 472 2.82 -23.32 -10.93
N LEU B 473 3.14 -23.44 -12.22
CA LEU B 473 4.30 -22.78 -12.85
C LEU B 473 3.81 -21.51 -13.51
N ALA B 474 4.59 -20.47 -13.42
CA ALA B 474 4.29 -19.19 -14.07
C ALA B 474 5.60 -18.47 -14.36
N LYS B 475 5.57 -17.65 -15.39
CA LYS B 475 6.65 -16.78 -15.89
C LYS B 475 6.30 -15.37 -15.44
N ASP B 476 6.72 -15.03 -14.24
CA ASP B 476 6.45 -13.71 -13.63
C ASP B 476 7.62 -13.44 -12.71
N ILE B 477 8.01 -12.18 -12.57
CA ILE B 477 9.16 -11.73 -11.73
C ILE B 477 8.78 -11.84 -10.24
N LEU B 478 7.50 -12.11 -9.91
CA LEU B 478 6.97 -12.07 -8.51
C LEU B 478 6.97 -13.46 -7.88
N VAL B 479 7.34 -14.48 -8.64
CA VAL B 479 7.36 -15.88 -8.15
C VAL B 479 8.83 -16.30 -8.01
N PRO B 480 9.17 -17.26 -7.13
CA PRO B 480 8.18 -18.01 -6.36
C PRO B 480 7.36 -17.18 -5.35
N SER B 481 6.06 -17.44 -5.27
CA SER B 481 5.10 -16.75 -4.38
C SER B 481 4.19 -17.78 -3.71
N PHE B 482 3.78 -17.50 -2.47
CA PHE B 482 2.83 -18.30 -1.66
C PHE B 482 1.59 -17.44 -1.41
N ASP B 483 0.41 -18.01 -1.61
CA ASP B 483 -0.88 -17.44 -1.13
C ASP B 483 -1.23 -18.18 0.14
N PRO B 484 -1.02 -17.56 1.33
CA PRO B 484 -1.20 -18.26 2.61
C PRO B 484 -2.68 -18.46 2.94
N LYS B 485 -3.59 -17.76 2.24
CA LYS B 485 -5.05 -17.95 2.38
C LYS B 485 -5.45 -19.29 1.77
N ASN B 486 -5.02 -19.60 0.55
CA ASN B 486 -5.44 -20.80 -0.24
C ASN B 486 -4.36 -21.89 -0.19
N LYS B 487 -3.21 -21.60 0.42
CA LYS B 487 -2.05 -22.52 0.52
C LYS B 487 -1.66 -22.98 -0.89
N HIS B 488 -1.73 -22.05 -1.85
CA HIS B 488 -1.31 -22.25 -3.27
C HIS B 488 0.07 -21.64 -3.50
N CYS B 489 1.06 -22.44 -3.91
CA CYS B 489 2.42 -21.98 -4.30
C CYS B 489 2.50 -21.78 -5.80
N VAL B 490 3.29 -20.80 -6.23
CA VAL B 490 3.52 -20.53 -7.67
C VAL B 490 5.03 -20.50 -7.84
N PHE B 491 5.57 -21.34 -8.71
CA PHE B 491 7.03 -21.40 -8.95
C PHE B 491 7.32 -20.74 -10.30
N GLN B 492 8.52 -20.21 -10.42
CA GLN B 492 9.08 -19.59 -11.65
C GLN B 492 9.21 -20.66 -12.75
N GLY B 493 8.67 -20.34 -13.92
CA GLY B 493 8.79 -21.16 -15.14
C GLY B 493 9.84 -20.64 -16.09
N ASP B 494 10.36 -19.42 -15.86
CA ASP B 494 11.40 -18.79 -16.72
C ASP B 494 12.60 -18.40 -15.85
N LEU B 495 13.75 -19.03 -16.05
CA LEU B 495 14.96 -18.79 -15.22
C LEU B 495 15.44 -17.34 -15.35
N LEU B 496 15.15 -16.68 -16.47
CA LEU B 496 15.60 -15.28 -16.63
C LEU B 496 14.61 -14.27 -16.01
N LEU B 497 13.56 -14.70 -15.33
CA LEU B 497 12.59 -13.73 -14.76
C LEU B 497 12.71 -13.69 -13.25
N PHE B 498 13.63 -14.42 -12.64
CA PHE B 498 13.89 -14.32 -11.19
C PHE B 498 14.31 -12.88 -10.89
N SER B 499 13.70 -12.23 -9.90
CA SER B 499 13.87 -10.78 -9.60
C SER B 499 13.85 -10.52 -8.10
N CYS B 500 14.92 -9.96 -7.55
CA CYS B 500 14.99 -9.42 -6.16
C CYS B 500 13.99 -8.26 -6.08
N ALA B 501 13.86 -7.54 -7.18
CA ALA B 501 12.91 -6.44 -7.38
C ALA B 501 11.50 -6.99 -7.59
N GLY B 502 10.48 -6.24 -7.16
CA GLY B 502 9.05 -6.57 -7.36
C GLY B 502 8.37 -7.04 -6.10
N ALA B 503 7.20 -6.48 -5.79
CA ALA B 503 6.33 -6.82 -4.64
C ALA B 503 5.04 -7.40 -5.18
N HIS B 504 4.47 -8.40 -4.50
CA HIS B 504 3.12 -8.97 -4.83
C HIS B 504 2.07 -8.17 -4.06
N PRO B 505 1.01 -7.65 -4.74
CA PRO B 505 -0.13 -7.07 -4.02
C PRO B 505 -0.75 -7.99 -2.97
N ARG B 506 -1.02 -9.24 -3.33
CA ARG B 506 -1.88 -10.19 -2.56
C ARG B 506 -1.02 -11.20 -1.81
N HIS B 507 0.03 -11.74 -2.44
CA HIS B 507 0.72 -12.97 -1.98
C HIS B 507 2.06 -12.61 -1.36
N GLN B 508 2.64 -13.56 -0.64
CA GLN B 508 4.00 -13.48 -0.04
C GLN B 508 5.00 -13.95 -1.10
N ARG B 509 6.14 -13.30 -1.23
CA ARG B 509 7.24 -13.78 -2.09
C ARG B 509 8.19 -14.59 -1.21
N VAL B 510 8.65 -15.72 -1.72
CA VAL B 510 9.79 -16.49 -1.13
C VAL B 510 11.09 -15.89 -1.68
N CYS B 511 11.98 -15.48 -0.76
CA CYS B 511 13.14 -14.60 -1.07
C CYS B 511 14.43 -15.23 -0.57
N PRO B 512 15.44 -15.29 -1.45
CA PRO B 512 16.77 -15.75 -1.09
C PRO B 512 17.67 -14.62 -0.61
N CYS B 513 17.98 -14.56 0.68
CA CYS B 513 18.91 -13.54 1.24
C CYS B 513 20.24 -14.23 1.56
N ARG B 514 21.30 -13.44 1.55
CA ARG B 514 22.60 -13.82 2.15
C ARG B 514 23.06 -12.72 3.11
N ASP B 515 23.90 -13.10 4.08
CA ASP B 515 24.74 -12.20 4.89
C ASP B 515 25.69 -11.47 3.93
N PHE B 516 26.18 -10.32 4.37
CA PHE B 516 27.20 -9.53 3.66
C PHE B 516 28.19 -8.97 4.67
N ILE B 517 29.37 -8.62 4.20
CA ILE B 517 30.47 -8.01 5.02
C ILE B 517 30.23 -6.51 5.13
N LYS B 518 30.21 -5.98 6.37
CA LYS B 518 30.09 -4.52 6.61
C LYS B 518 31.25 -3.88 5.86
N GLY B 519 30.94 -2.88 5.03
CA GLY B 519 31.94 -2.20 4.21
C GLY B 519 32.30 -2.95 2.94
N GLN B 520 31.74 -4.15 2.71
CA GLN B 520 31.98 -4.96 1.48
C GLN B 520 30.74 -5.82 1.19
N VAL B 521 29.67 -5.14 0.77
CA VAL B 521 28.27 -5.66 0.62
C VAL B 521 28.28 -6.77 -0.43
N ALA B 522 29.12 -6.64 -1.45
CA ALA B 522 29.17 -7.56 -2.61
C ALA B 522 29.51 -8.99 -2.16
N LEU B 523 30.15 -9.15 -1.01
CA LEU B 523 30.57 -10.46 -0.48
C LEU B 523 29.82 -10.81 0.80
N CYS B 524 29.75 -12.11 1.07
CA CYS B 524 29.25 -12.82 2.27
C CYS B 524 30.47 -13.43 2.98
N LYS B 525 30.34 -14.04 4.16
CA LYS B 525 31.48 -14.60 4.94
C LYS B 525 32.26 -15.63 4.11
N ASP B 526 31.60 -16.70 3.70
CA ASP B 526 32.27 -17.83 3.00
C ASP B 526 32.80 -17.36 1.63
N CYS B 527 32.22 -16.29 1.07
CA CYS B 527 32.53 -15.79 -0.29
C CYS B 527 34.04 -15.62 -0.48
N LEU B 528 34.82 -15.56 0.61
CA LEU B 528 36.32 -15.66 0.65
C LEU B 528 36.81 -16.57 -0.49
#